data_8EGX
#
_entry.id   8EGX
#
_cell.length_a   64.222
_cell.length_b   82.102
_cell.length_c   224.759
_cell.angle_alpha   90.000
_cell.angle_beta   90.000
_cell.angle_gamma   90.000
#
_symmetry.space_group_name_H-M   'P 21 21 21'
#
loop_
_entity.id
_entity.type
_entity.pdbx_description
1 polymer 'Protocadherin Fat 4'
2 polymer Protocadherin-16
3 branched 2-acetamido-2-deoxy-beta-D-glucopyranose-(1-4)-2-acetamido-2-deoxy-beta-D-glucopyranose
4 non-polymer 2-acetamido-2-deoxy-beta-D-glucopyranose
5 non-polymer 'CALCIUM ION'
#
loop_
_entity_poly.entity_id
_entity_poly.type
_entity_poly.pdbx_seq_one_letter_code
_entity_poly.pdbx_strand_id
1 'polypeptide(L)'
;MDLAPDRATGRPWLPLHTLSVSQLLRVFWLLSLLPGQAWVHGAEPRQVFQVLEEQPPGTLVGTIQTRPGFTYRLSESHAL
FAINSSTGALYTTSTIDRESLPSDVINLVVLSSAPTYPTEVRVLVRDLNDNAPVFPDPSIVVTFKEDSSSGRQVILDTAT
DSDIGSNGVDHRSYRIIRGNEAGRFRLDITLNPSGEGAFLHLVSKGGLDREVTPQYQLLVEVEDKGEPKRRGYLQVNVTV
QDINDNPPVFGSSHYQAGVPEDAVVGSSVLQVAAADADEGTNADIRYRLQDEGTPFQMDPETGLITVREPLDFEARRQYS
LTVQAMDRGVPSLTGRAEALIQLLDVNDNDPVVKFRYFPATSRYASVDENAQVGTVVALLTVTDADSPAANGNISVQILG
GNEQRHFEVQSSKVPNLSLIKVASALDRERIPSYNLTVSVSDNYGAPPGAAVQARSSVASLVIFVND
;
B
2 'polypeptide(L)'
;PQAGSLDLQIDEEQPAGTLIGDISAGLPAGTAAPLMYFISAQEGSGVGTDLAIDEHSGVVRTARVLDREQRDRYRFTAVT
PDGATVEVTVRVADINDHAPAFPQARAALQVPEHTAFGTRYPLEPARDADAGRLGTQGYALSGDGAGETFRLETRPGPDG
TPVPELVVTGELDRENRSHYMLQLEAYDGGSPPRRAQALLDVTLLDINDHAPAFNQSRYHAVVSESLAPGSPVLQVFASD
ADAGVNGAVTYEINRRQSEGDGPFSIDAHTGLLQLERPLDFEQRRVHELVVQARDGGAHPELGSAFVTVHVRDANDNQPS
MTVIFLSADGSPQVSEAAPPGQLVARISVSDPDDGDFAHVNVSLEGGEGHFALSTQDSVIYLVCVARRLDREERDAYNLR
VTATDSGSPPLRAEAAFVLHV
;
A
#
# COMPACT_ATOMS: atom_id res chain seq x y z
N ALA A 43 45.80 -2.96 -67.99
CA ALA A 43 44.74 -1.99 -67.81
C ALA A 43 43.88 -2.33 -66.60
N GLU A 44 44.35 -3.28 -65.79
CA GLU A 44 43.61 -3.69 -64.60
C GLU A 44 44.48 -3.77 -63.35
N PRO A 45 45.42 -2.83 -63.11
CA PRO A 45 46.22 -2.94 -61.88
C PRO A 45 45.56 -2.28 -60.69
N ARG A 46 45.42 -3.03 -59.59
CA ARG A 46 44.80 -2.52 -58.38
C ARG A 46 45.34 -3.31 -57.20
N GLN A 47 45.84 -2.59 -56.20
CA GLN A 47 46.45 -3.19 -55.01
C GLN A 47 45.71 -2.77 -53.76
N VAL A 48 45.99 -3.47 -52.67
CA VAL A 48 45.38 -3.21 -51.38
C VAL A 48 46.47 -3.27 -50.31
N PHE A 49 46.45 -2.32 -49.38
CA PHE A 49 47.40 -2.25 -48.28
C PHE A 49 46.65 -2.32 -46.96
N GLN A 50 47.39 -2.74 -45.92
CA GLN A 50 46.83 -2.85 -44.57
C GLN A 50 47.80 -2.22 -43.58
N VAL A 51 47.25 -1.48 -42.62
CA VAL A 51 48.06 -0.76 -41.64
C VAL A 51 47.30 -0.73 -40.32
N LEU A 52 48.06 -0.65 -39.22
CA LEU A 52 47.51 -0.56 -37.89
C LEU A 52 47.26 0.90 -37.52
N GLU A 53 46.37 1.10 -36.55
CA GLU A 53 46.05 2.44 -36.09
C GLU A 53 46.87 2.80 -34.86
N GLU A 54 46.82 4.09 -34.50
CA GLU A 54 47.56 4.63 -33.34
C GLU A 54 49.05 4.34 -33.45
N GLN A 55 49.57 4.43 -34.66
CA GLN A 55 51.01 4.29 -34.90
C GLN A 55 51.62 5.66 -35.19
N PRO A 56 52.88 5.86 -34.79
CA PRO A 56 53.51 7.15 -35.03
C PRO A 56 53.58 7.45 -36.51
N PRO A 57 53.62 8.73 -36.89
CA PRO A 57 53.65 9.08 -38.31
C PRO A 57 54.89 8.53 -39.00
N GLY A 58 54.77 8.34 -40.32
CA GLY A 58 55.82 7.74 -41.10
C GLY A 58 55.79 6.24 -41.17
N THR A 59 54.71 5.61 -40.71
CA THR A 59 54.63 4.16 -40.72
C THR A 59 54.48 3.64 -42.15
N LEU A 60 55.31 2.66 -42.51
CA LEU A 60 55.28 2.09 -43.84
C LEU A 60 54.04 1.22 -44.02
N VAL A 61 53.18 1.60 -44.97
CA VAL A 61 51.96 0.85 -45.24
C VAL A 61 52.26 -0.24 -46.27
N GLY A 62 52.70 0.17 -47.45
CA GLY A 62 53.01 -0.77 -48.52
C GLY A 62 53.66 -0.06 -49.67
N THR A 63 54.25 -0.86 -50.56
CA THR A 63 54.98 -0.34 -51.73
C THR A 63 54.15 -0.60 -52.98
N ILE A 64 53.70 0.46 -53.62
CA ILE A 64 52.96 0.34 -54.88
C ILE A 64 53.92 -0.08 -55.98
N GLN A 65 53.45 -0.96 -56.87
CA GLN A 65 54.31 -1.47 -57.93
C GLN A 65 54.77 -0.33 -58.84
N THR A 66 56.05 -0.36 -59.17
CA THR A 66 56.70 0.73 -59.89
C THR A 66 56.91 0.39 -61.35
N ARG A 67 57.03 1.43 -62.17
CA ARG A 67 57.41 1.35 -63.56
C ARG A 67 58.70 2.15 -63.76
N PRO A 68 59.63 1.68 -64.58
CA PRO A 68 60.92 2.38 -64.72
C PRO A 68 60.75 3.73 -65.40
N GLY A 69 61.30 4.76 -64.77
CA GLY A 69 61.31 6.09 -65.35
C GLY A 69 60.07 6.92 -65.11
N PHE A 70 59.32 6.64 -64.05
CA PHE A 70 58.05 7.32 -63.82
C PHE A 70 57.99 7.90 -62.42
N THR A 71 57.36 9.07 -62.31
CA THR A 71 57.16 9.76 -61.04
C THR A 71 55.69 9.70 -60.66
N TYR A 72 55.41 9.23 -59.45
CA TYR A 72 54.05 9.13 -58.96
C TYR A 72 53.83 10.10 -57.80
N ARG A 73 52.65 10.70 -57.75
CA ARG A 73 52.27 11.58 -56.66
C ARG A 73 50.82 11.30 -56.29
N LEU A 74 50.33 12.04 -55.29
CA LEU A 74 48.95 11.87 -54.86
C LEU A 74 47.98 12.46 -55.88
N SER A 75 46.71 12.06 -55.76
CA SER A 75 45.66 12.57 -56.63
C SER A 75 44.95 13.77 -56.00
N GLU A 76 44.35 13.56 -54.83
CA GLU A 76 43.71 14.64 -54.07
C GLU A 76 44.39 14.76 -52.70
N SER A 77 44.54 16.00 -52.24
CA SER A 77 45.26 16.28 -51.01
C SER A 77 44.41 15.90 -49.81
N HIS A 78 44.94 15.01 -48.96
CA HIS A 78 44.34 14.68 -47.69
C HIS A 78 45.44 14.46 -46.66
N ALA A 79 45.14 14.79 -45.40
CA ALA A 79 46.18 14.90 -44.38
C ALA A 79 46.50 13.58 -43.70
N LEU A 80 46.49 12.48 -44.45
CA LEU A 80 46.79 11.17 -43.88
C LEU A 80 47.94 10.45 -44.55
N PHE A 81 48.22 10.72 -45.82
CA PHE A 81 49.25 9.98 -46.52
C PHE A 81 49.99 10.87 -47.51
N ALA A 82 51.18 10.41 -47.90
CA ALA A 82 52.00 11.06 -48.91
C ALA A 82 52.98 10.03 -49.44
N ILE A 83 53.20 10.05 -50.76
CA ILE A 83 53.92 8.98 -51.44
C ILE A 83 55.31 9.46 -51.83
N ASN A 84 56.31 8.61 -51.58
CA ASN A 84 57.67 8.85 -52.06
C ASN A 84 57.72 8.59 -53.56
N SER A 85 58.02 9.64 -54.34
CA SER A 85 58.00 9.53 -55.78
C SER A 85 59.20 8.80 -56.36
N SER A 86 60.33 8.79 -55.65
CA SER A 86 61.55 8.15 -56.16
C SER A 86 61.42 6.63 -56.13
N THR A 87 60.46 6.09 -56.88
CA THR A 87 60.17 4.65 -56.92
C THR A 87 60.00 4.10 -55.50
N GLY A 88 59.40 4.90 -54.64
CA GLY A 88 59.26 4.56 -53.23
C GLY A 88 57.98 3.83 -52.91
N ALA A 89 57.49 4.04 -51.70
CA ALA A 89 56.32 3.33 -51.20
C ALA A 89 55.29 4.33 -50.70
N LEU A 90 54.38 3.87 -49.85
CA LEU A 90 53.35 4.70 -49.23
C LEU A 90 53.56 4.73 -47.74
N TYR A 91 53.57 5.93 -47.17
CA TYR A 91 53.82 6.12 -45.74
C TYR A 91 52.74 6.99 -45.14
N THR A 92 52.37 6.70 -43.89
CA THR A 92 51.45 7.57 -43.18
C THR A 92 52.14 8.88 -42.82
N THR A 93 51.33 9.91 -42.60
CA THR A 93 51.85 11.22 -42.22
C THR A 93 51.36 11.70 -40.86
N SER A 94 50.46 10.97 -40.22
CA SER A 94 49.93 11.38 -38.92
C SER A 94 49.39 10.16 -38.19
N THR A 95 49.33 10.27 -36.87
CA THR A 95 48.63 9.27 -36.08
C THR A 95 47.14 9.41 -36.29
N ILE A 96 46.43 8.28 -36.34
CA ILE A 96 44.99 8.29 -36.59
C ILE A 96 44.33 7.26 -35.69
N ASP A 97 43.19 7.64 -35.11
CA ASP A 97 42.35 6.72 -34.35
C ASP A 97 41.26 6.20 -35.28
N ARG A 98 41.20 4.87 -35.43
CA ARG A 98 40.24 4.27 -36.35
C ARG A 98 38.81 4.62 -35.96
N GLU A 99 38.52 4.72 -34.66
CA GLU A 99 37.18 5.09 -34.23
C GLU A 99 36.80 6.51 -34.62
N SER A 100 37.78 7.36 -34.90
CA SER A 100 37.50 8.73 -35.33
C SER A 100 37.24 8.85 -36.82
N LEU A 101 37.30 7.74 -37.57
CA LEU A 101 37.08 7.81 -39.00
C LEU A 101 35.64 7.50 -39.35
N PRO A 102 35.12 8.11 -40.42
CA PRO A 102 33.75 7.76 -40.85
C PRO A 102 33.67 6.37 -41.48
N SER A 103 34.76 5.89 -42.08
CA SER A 103 34.78 4.56 -42.67
C SER A 103 36.20 4.01 -42.57
N ASP A 104 36.31 2.69 -42.44
CA ASP A 104 37.60 2.03 -42.30
C ASP A 104 38.40 2.10 -43.59
N VAL A 105 37.97 1.32 -44.60
CA VAL A 105 38.69 1.29 -45.86
C VAL A 105 38.59 2.65 -46.55
N ILE A 106 39.71 3.13 -47.07
CA ILE A 106 39.79 4.41 -47.74
C ILE A 106 40.48 4.19 -49.09
N ASN A 107 39.79 4.56 -50.17
CA ASN A 107 40.34 4.39 -51.51
C ASN A 107 41.25 5.57 -51.87
N LEU A 108 42.38 5.25 -52.51
CA LEU A 108 43.34 6.25 -52.93
C LEU A 108 43.77 5.96 -54.37
N VAL A 109 44.11 7.03 -55.10
CA VAL A 109 44.47 6.94 -56.50
C VAL A 109 45.86 7.53 -56.70
N VAL A 110 46.69 6.83 -57.47
CA VAL A 110 48.08 7.21 -57.72
C VAL A 110 48.14 8.14 -58.93
N LEU A 111 49.35 8.53 -59.33
CA LEU A 111 49.58 9.40 -60.48
C LEU A 111 50.80 8.89 -61.23
N SER A 112 51.07 9.42 -62.42
CA SER A 112 52.18 8.92 -63.22
C SER A 112 52.77 10.05 -64.06
N SER A 113 53.93 9.75 -64.67
CA SER A 113 54.73 10.74 -65.39
C SER A 113 54.03 11.30 -66.63
N ALA A 114 53.99 10.55 -67.74
CA ALA A 114 53.54 11.17 -68.98
C ALA A 114 52.11 10.77 -69.36
N PRO A 115 51.80 9.48 -69.56
CA PRO A 115 50.40 9.10 -69.83
C PRO A 115 49.52 9.11 -68.60
N THR A 116 50.09 9.32 -67.42
CA THR A 116 49.36 9.38 -66.17
C THR A 116 48.45 8.16 -66.01
N TYR A 117 49.05 6.99 -66.19
CA TYR A 117 48.31 5.76 -65.97
C TYR A 117 48.02 5.61 -64.48
N PRO A 118 46.77 5.38 -64.09
CA PRO A 118 46.46 5.31 -62.66
C PRO A 118 46.15 3.90 -62.17
N THR A 119 46.86 3.49 -61.12
CA THR A 119 46.59 2.24 -60.42
C THR A 119 45.94 2.57 -59.08
N GLU A 120 44.81 1.93 -58.79
CA GLU A 120 44.05 2.23 -57.59
C GLU A 120 44.61 1.48 -56.38
N VAL A 121 44.48 2.10 -55.22
CA VAL A 121 45.06 1.60 -53.98
C VAL A 121 44.04 1.78 -52.86
N ARG A 122 43.80 0.72 -52.10
CA ARG A 122 42.88 0.75 -50.96
C ARG A 122 43.66 0.40 -49.70
N VAL A 123 43.44 1.16 -48.63
CA VAL A 123 44.12 0.98 -47.36
C VAL A 123 43.10 0.56 -46.32
N LEU A 124 43.39 -0.52 -45.59
CA LEU A 124 42.54 -1.02 -44.53
C LEU A 124 43.19 -0.73 -43.19
N VAL A 125 42.46 -0.03 -42.32
CA VAL A 125 42.94 0.31 -40.99
C VAL A 125 42.14 -0.50 -39.98
N ARG A 126 42.84 -1.05 -38.97
CA ARG A 126 42.20 -1.91 -38.00
C ARG A 126 42.15 -1.24 -36.63
N ASP A 127 42.06 -2.05 -35.57
CA ASP A 127 41.56 -1.58 -34.28
C ASP A 127 42.60 -1.64 -33.17
N LEU A 128 43.12 -2.83 -32.85
CA LEU A 128 44.09 -3.09 -31.78
C LEU A 128 43.46 -3.00 -30.38
N ASN A 129 42.17 -2.71 -30.27
CA ASN A 129 41.44 -2.68 -28.99
C ASN A 129 42.06 -1.66 -28.04
N ASP A 130 41.87 -0.39 -28.39
CA ASP A 130 42.32 0.72 -27.54
C ASP A 130 41.17 1.39 -26.81
N ASN A 131 39.93 0.97 -27.05
CA ASN A 131 38.77 1.45 -26.33
C ASN A 131 38.21 0.37 -25.42
N ALA A 132 37.65 0.79 -24.29
CA ALA A 132 37.12 -0.11 -23.29
C ALA A 132 35.59 -0.08 -23.28
N PRO A 133 34.93 -1.15 -22.85
CA PRO A 133 33.46 -1.11 -22.76
C PRO A 133 32.99 -0.06 -21.77
N VAL A 134 31.91 0.61 -22.12
CA VAL A 134 31.37 1.71 -21.33
C VAL A 134 29.86 1.66 -21.40
N PHE A 135 29.21 1.84 -20.24
CA PHE A 135 27.76 1.89 -20.17
C PHE A 135 27.24 3.30 -20.43
N PRO A 136 26.01 3.42 -20.92
CA PRO A 136 25.46 4.77 -21.18
C PRO A 136 25.38 5.64 -19.94
N ASP A 137 25.19 5.06 -18.76
CA ASP A 137 25.14 5.81 -17.52
C ASP A 137 25.87 5.01 -16.45
N PRO A 138 26.74 5.66 -15.66
CA PRO A 138 27.53 4.89 -14.68
C PRO A 138 26.71 4.32 -13.55
N SER A 139 25.72 5.05 -13.06
CA SER A 139 24.91 4.61 -11.93
C SER A 139 23.45 4.97 -12.18
N ILE A 140 22.57 3.98 -12.07
CA ILE A 140 21.14 4.16 -12.24
C ILE A 140 20.42 3.59 -11.03
N VAL A 141 19.10 3.80 -10.98
CA VAL A 141 18.27 3.37 -9.87
C VAL A 141 17.12 2.53 -10.41
N VAL A 142 16.96 1.33 -9.88
CA VAL A 142 15.83 0.46 -10.20
C VAL A 142 15.11 0.11 -8.91
N THR A 143 13.80 -0.07 -8.99
CA THR A 143 12.97 -0.35 -7.84
C THR A 143 12.39 -1.75 -7.94
N PHE A 144 12.46 -2.50 -6.84
CA PHE A 144 11.93 -3.85 -6.75
C PHE A 144 10.77 -3.90 -5.77
N LYS A 145 9.83 -4.79 -6.03
CA LYS A 145 8.69 -4.99 -5.15
C LYS A 145 9.10 -5.93 -4.02
N GLU A 146 8.98 -5.46 -2.77
CA GLU A 146 9.36 -6.29 -1.64
C GLU A 146 8.35 -7.41 -1.43
N ASP A 147 8.81 -8.45 -0.73
CA ASP A 147 7.99 -9.64 -0.43
C ASP A 147 7.44 -10.29 -1.70
N SER A 148 8.08 -10.07 -2.83
CA SER A 148 7.66 -10.67 -4.08
C SER A 148 8.36 -12.01 -4.30
N SER A 149 7.68 -12.91 -4.99
CA SER A 149 8.23 -14.23 -5.23
C SER A 149 9.41 -14.15 -6.19
N SER A 150 10.14 -15.26 -6.28
CA SER A 150 11.26 -15.33 -7.20
C SER A 150 10.79 -15.24 -8.64
N GLY A 151 11.60 -14.60 -9.47
CA GLY A 151 11.28 -14.38 -10.87
C GLY A 151 11.11 -12.92 -11.24
N ARG A 152 10.86 -12.05 -10.26
CA ARG A 152 10.78 -10.63 -10.54
C ARG A 152 12.11 -10.11 -11.06
N GLN A 153 12.08 -9.46 -12.23
CA GLN A 153 13.30 -8.99 -12.88
C GLN A 153 13.06 -7.59 -13.42
N VAL A 154 14.12 -6.99 -13.95
CA VAL A 154 14.08 -5.66 -14.54
C VAL A 154 15.12 -5.59 -15.64
N ILE A 155 14.78 -4.92 -16.74
CA ILE A 155 15.67 -4.80 -17.88
C ILE A 155 16.69 -3.70 -17.60
N LEU A 156 17.96 -4.01 -17.78
CA LEU A 156 19.05 -3.09 -17.51
C LEU A 156 19.77 -2.70 -18.80
N ASP A 157 20.62 -1.68 -18.69
CA ASP A 157 21.37 -1.20 -19.84
C ASP A 157 22.48 -2.18 -20.21
N THR A 158 22.78 -2.24 -21.51
CA THR A 158 23.85 -3.06 -22.04
C THR A 158 24.99 -2.16 -22.49
N ALA A 159 26.20 -2.50 -22.07
CA ALA A 159 27.36 -1.70 -22.42
C ALA A 159 27.66 -1.81 -23.92
N THR A 160 28.39 -0.82 -24.43
CA THR A 160 28.79 -0.78 -25.83
C THR A 160 30.25 -0.41 -25.92
N ASP A 161 30.92 -0.92 -26.94
CA ASP A 161 32.33 -0.61 -27.19
C ASP A 161 32.49 -0.07 -28.60
N SER A 162 33.31 0.98 -28.74
CA SER A 162 33.53 1.62 -30.02
C SER A 162 34.39 0.81 -30.97
N ASP A 163 35.02 -0.26 -30.48
CA ASP A 163 35.94 -1.03 -31.31
C ASP A 163 35.16 -1.97 -32.23
N ILE A 164 35.90 -2.78 -33.00
CA ILE A 164 35.31 -3.62 -34.03
C ILE A 164 34.60 -4.81 -33.40
N GLY A 165 34.13 -5.72 -34.25
CA GLY A 165 33.33 -6.86 -33.79
C GLY A 165 34.05 -7.78 -32.83
N SER A 166 35.13 -8.42 -33.28
CA SER A 166 35.88 -9.31 -32.39
C SER A 166 36.40 -8.54 -31.19
N ASN A 167 36.90 -7.33 -31.40
CA ASN A 167 37.39 -6.47 -30.31
C ASN A 167 36.27 -5.75 -29.57
N GLY A 168 35.02 -6.20 -29.71
CA GLY A 168 33.89 -5.57 -29.08
C GLY A 168 33.50 -6.24 -27.77
N VAL A 169 32.44 -5.70 -27.17
CA VAL A 169 31.99 -6.17 -25.87
C VAL A 169 31.49 -7.60 -25.96
N ASP A 170 31.90 -8.43 -25.00
CA ASP A 170 31.40 -9.80 -24.88
C ASP A 170 30.15 -9.77 -24.01
N HIS A 171 28.98 -9.83 -24.65
CA HIS A 171 27.72 -9.69 -23.93
C HIS A 171 27.38 -10.90 -23.08
N ARG A 172 28.18 -11.96 -23.11
CA ARG A 172 27.95 -13.13 -22.27
C ARG A 172 28.90 -13.18 -21.07
N SER A 173 29.64 -12.10 -20.82
CA SER A 173 30.62 -12.05 -19.74
C SER A 173 30.23 -11.10 -18.63
N TYR A 174 28.96 -10.77 -18.51
CA TYR A 174 28.51 -9.87 -17.44
C TYR A 174 28.54 -10.59 -16.10
N ARG A 175 29.19 -9.97 -15.12
CA ARG A 175 29.27 -10.51 -13.77
C ARG A 175 28.97 -9.42 -12.76
N ILE A 176 28.41 -9.81 -11.62
CA ILE A 176 28.14 -8.91 -10.51
C ILE A 176 29.14 -9.23 -9.42
N ILE A 177 30.05 -8.29 -9.15
CA ILE A 177 31.27 -8.60 -8.40
C ILE A 177 31.17 -8.17 -6.95
N ARG A 178 30.41 -7.11 -6.67
CA ARG A 178 30.25 -6.64 -5.29
C ARG A 178 28.80 -6.24 -5.05
N GLY A 179 28.46 -6.10 -3.79
CA GLY A 179 27.11 -5.75 -3.35
C GLY A 179 26.21 -6.95 -3.15
N ASN A 180 26.34 -7.96 -4.00
CA ASN A 180 25.53 -9.17 -3.91
C ASN A 180 26.10 -10.20 -2.94
N GLU A 181 26.82 -9.75 -1.91
CA GLU A 181 27.36 -10.69 -0.93
C GLU A 181 26.25 -11.36 -0.12
N ALA A 182 25.07 -10.74 -0.05
CA ALA A 182 23.94 -11.37 0.64
C ALA A 182 23.35 -12.50 -0.20
N GLY A 183 23.52 -12.44 -1.52
CA GLY A 183 23.02 -13.50 -2.39
C GLY A 183 21.53 -13.40 -2.66
N ARG A 184 21.06 -12.22 -3.07
CA ARG A 184 19.65 -11.99 -3.36
C ARG A 184 19.33 -12.04 -4.84
N PHE A 185 20.20 -11.53 -5.69
CA PHE A 185 19.93 -11.38 -7.12
C PHE A 185 20.80 -12.29 -7.94
N ARG A 186 20.54 -12.29 -9.25
CA ARG A 186 21.36 -13.01 -10.22
C ARG A 186 21.23 -12.32 -11.56
N LEU A 187 22.15 -12.62 -12.46
CA LEU A 187 22.20 -12.02 -13.79
C LEU A 187 21.72 -13.02 -14.83
N ASP A 188 20.73 -12.61 -15.63
CA ASP A 188 20.22 -13.40 -16.73
C ASP A 188 20.32 -12.55 -17.99
N ILE A 189 21.07 -13.04 -18.98
CA ILE A 189 21.36 -12.29 -20.20
C ILE A 189 20.58 -12.90 -21.35
N THR A 190 19.81 -12.09 -22.05
CA THR A 190 19.05 -12.50 -23.22
C THR A 190 19.68 -11.88 -24.45
N LEU A 191 20.27 -12.70 -25.31
CA LEU A 191 20.87 -12.23 -26.54
C LEU A 191 19.88 -12.33 -27.69
N ASN A 192 20.13 -11.55 -28.74
CA ASN A 192 19.18 -11.43 -29.83
C ASN A 192 19.65 -12.18 -31.07
N PRO A 193 18.72 -12.72 -31.87
CA PRO A 193 19.13 -13.37 -33.12
C PRO A 193 19.74 -12.41 -34.12
N SER A 194 19.41 -11.12 -34.03
CA SER A 194 20.06 -10.12 -34.88
C SER A 194 21.43 -9.79 -34.31
N GLY A 195 22.39 -9.57 -35.21
CA GLY A 195 23.76 -9.27 -34.79
C GLY A 195 23.89 -8.02 -33.97
N GLU A 196 22.98 -7.06 -34.14
CA GLU A 196 23.03 -5.78 -33.45
C GLU A 196 21.92 -5.75 -32.41
N GLY A 197 22.28 -6.07 -31.17
CA GLY A 197 21.31 -6.06 -30.08
C GLY A 197 21.67 -6.98 -28.93
N ALA A 198 21.34 -6.56 -27.71
CA ALA A 198 21.57 -7.35 -26.52
C ALA A 198 20.75 -6.76 -25.38
N PHE A 199 20.29 -7.63 -24.48
CA PHE A 199 19.50 -7.21 -23.34
C PHE A 199 19.96 -7.96 -22.09
N LEU A 200 19.94 -7.26 -20.95
CA LEU A 200 20.38 -7.80 -19.69
C LEU A 200 19.26 -7.68 -18.66
N HIS A 201 19.08 -8.72 -17.85
CA HIS A 201 18.05 -8.77 -16.82
C HIS A 201 18.68 -8.87 -15.44
N LEU A 202 17.92 -8.44 -14.44
CA LEU A 202 18.33 -8.52 -13.03
C LEU A 202 17.26 -9.33 -12.30
N VAL A 203 17.45 -10.64 -12.27
CA VAL A 203 16.46 -11.54 -11.68
C VAL A 203 16.65 -11.57 -10.17
N SER A 204 15.57 -11.38 -9.42
CA SER A 204 15.57 -11.48 -7.97
C SER A 204 15.06 -12.84 -7.56
N LYS A 205 15.78 -13.50 -6.66
CA LYS A 205 15.43 -14.84 -6.19
C LYS A 205 14.49 -14.82 -4.99
N GLY A 206 13.65 -13.81 -4.89
CA GLY A 206 12.66 -13.75 -3.83
C GLY A 206 13.27 -13.43 -2.48
N GLY A 207 12.38 -13.28 -1.49
CA GLY A 207 12.79 -13.00 -0.14
C GLY A 207 13.15 -11.56 0.14
N LEU A 208 12.90 -10.65 -0.80
CA LEU A 208 13.21 -9.25 -0.57
C LEU A 208 12.29 -8.67 0.49
N ASP A 209 12.89 -8.03 1.50
CA ASP A 209 12.13 -7.44 2.59
C ASP A 209 12.71 -6.06 2.89
N ARG A 210 11.84 -5.03 2.85
CA ARG A 210 12.31 -3.68 3.09
C ARG A 210 12.68 -3.47 4.56
N GLU A 211 11.92 -4.05 5.48
CA GLU A 211 12.20 -3.87 6.90
C GLU A 211 13.52 -4.49 7.32
N VAL A 212 14.01 -5.48 6.58
CA VAL A 212 15.30 -6.12 6.88
C VAL A 212 16.41 -5.31 6.24
N THR A 213 16.33 -5.11 4.93
CA THR A 213 17.31 -4.33 4.18
C THR A 213 16.62 -3.62 3.02
N PRO A 214 16.46 -2.29 3.09
CA PRO A 214 15.68 -1.58 2.07
C PRO A 214 16.45 -1.21 0.81
N GLN A 215 17.77 -1.39 0.78
CA GLN A 215 18.53 -0.96 -0.37
C GLN A 215 19.76 -1.85 -0.56
N TYR A 216 20.07 -2.13 -1.82
CA TYR A 216 21.28 -2.86 -2.21
C TYR A 216 21.99 -2.06 -3.29
N GLN A 217 23.31 -1.90 -3.15
CA GLN A 217 24.13 -1.17 -4.13
C GLN A 217 25.04 -2.18 -4.82
N LEU A 218 24.79 -2.43 -6.09
CA LEU A 218 25.45 -3.49 -6.84
C LEU A 218 26.34 -2.89 -7.93
N LEU A 219 27.37 -3.66 -8.30
CA LEU A 219 28.30 -3.29 -9.36
C LEU A 219 28.45 -4.44 -10.34
N VAL A 220 28.46 -4.12 -11.63
CA VAL A 220 28.56 -5.10 -12.70
C VAL A 220 29.88 -4.92 -13.42
N GLU A 221 30.55 -6.03 -13.71
CA GLU A 221 31.84 -6.02 -14.38
C GLU A 221 31.69 -6.69 -15.75
N VAL A 222 31.90 -5.93 -16.81
CA VAL A 222 31.81 -6.41 -18.17
C VAL A 222 33.19 -6.29 -18.81
N GLU A 223 33.54 -7.26 -19.65
CA GLU A 223 34.88 -7.30 -20.22
C GLU A 223 34.84 -7.30 -21.74
N ASP A 224 35.71 -6.47 -22.33
CA ASP A 224 35.88 -6.43 -23.77
C ASP A 224 36.49 -7.75 -24.26
N LYS A 225 35.89 -8.30 -25.31
CA LYS A 225 36.23 -9.62 -25.84
C LYS A 225 37.44 -9.52 -26.79
N GLY A 226 38.57 -9.04 -26.25
CA GLY A 226 39.68 -8.65 -27.07
C GLY A 226 40.99 -9.29 -26.65
N GLU A 227 41.98 -9.18 -27.55
CA GLU A 227 43.38 -9.46 -27.22
C GLU A 227 43.79 -8.85 -25.88
N PRO A 228 43.50 -7.57 -25.60
CA PRO A 228 43.57 -7.10 -24.22
C PRO A 228 42.17 -7.03 -23.62
N LYS A 229 41.91 -7.84 -22.59
CA LYS A 229 40.59 -7.88 -21.98
C LYS A 229 40.43 -6.65 -21.10
N ARG A 230 39.84 -5.59 -21.65
CA ARG A 230 39.60 -4.37 -20.92
C ARG A 230 38.16 -4.34 -20.44
N ARG A 231 37.94 -3.63 -19.33
CA ARG A 231 36.75 -3.80 -18.51
C ARG A 231 35.88 -2.55 -18.52
N GLY A 232 34.63 -2.75 -18.07
CA GLY A 232 33.70 -1.65 -17.88
C GLY A 232 32.83 -1.96 -16.67
N TYR A 233 32.23 -0.91 -16.11
CA TYR A 233 31.50 -1.04 -14.86
C TYR A 233 30.22 -0.22 -14.91
N LEU A 234 29.20 -0.72 -14.20
CA LEU A 234 27.94 -0.02 -14.02
C LEU A 234 27.43 -0.30 -12.61
N GLN A 235 26.94 0.74 -11.95
CA GLN A 235 26.42 0.65 -10.60
C GLN A 235 24.89 0.64 -10.61
N VAL A 236 24.30 -0.12 -9.70
CA VAL A 236 22.84 -0.28 -9.62
C VAL A 236 22.41 0.07 -8.20
N ASN A 237 21.67 1.17 -8.05
CA ASN A 237 21.05 1.52 -6.78
C ASN A 237 19.69 0.81 -6.71
N VAL A 238 19.65 -0.32 -6.01
CA VAL A 238 18.41 -1.08 -5.85
C VAL A 238 17.66 -0.51 -4.66
N THR A 239 16.56 0.18 -4.91
CA THR A 239 15.73 0.77 -3.87
C THR A 239 14.38 0.06 -3.88
N VAL A 240 14.21 -0.90 -2.97
CA VAL A 240 12.96 -1.64 -2.90
C VAL A 240 11.85 -0.72 -2.40
N GLN A 241 10.62 -1.06 -2.77
CA GLN A 241 9.45 -0.27 -2.39
C GLN A 241 8.73 -0.92 -1.22
N ASP A 242 8.08 -0.08 -0.42
CA ASP A 242 7.37 -0.53 0.77
C ASP A 242 5.97 -0.99 0.41
N ILE A 243 5.57 -2.15 0.94
CA ILE A 243 4.19 -2.61 0.86
C ILE A 243 3.68 -2.80 2.28
N ASN A 244 2.37 -2.68 2.45
CA ASN A 244 1.75 -2.72 3.78
C ASN A 244 1.66 -4.18 4.23
N ASP A 245 2.75 -4.67 4.82
CA ASP A 245 2.78 -6.02 5.36
C ASP A 245 2.72 -6.08 6.89
N ASN A 246 3.04 -4.97 7.57
CA ASN A 246 3.05 -4.95 9.03
C ASN A 246 1.88 -4.12 9.54
N PRO A 247 1.13 -4.62 10.52
CA PRO A 247 0.00 -3.86 11.06
C PRO A 247 0.47 -2.93 12.16
N PRO A 248 -0.37 -1.97 12.57
CA PRO A 248 -0.01 -1.13 13.72
C PRO A 248 -0.04 -1.92 15.01
N VAL A 249 0.89 -1.59 15.90
CA VAL A 249 1.01 -2.24 17.20
C VAL A 249 1.04 -1.18 18.28
N PHE A 250 0.24 -1.36 19.33
CA PHE A 250 0.20 -0.42 20.44
C PHE A 250 1.43 -0.58 21.34
N GLY A 251 1.70 0.46 22.13
CA GLY A 251 2.79 0.40 23.09
C GLY A 251 2.48 -0.44 24.30
N SER A 252 1.21 -0.62 24.63
CA SER A 252 0.79 -1.43 25.76
C SER A 252 -0.47 -2.19 25.39
N SER A 253 -0.68 -3.33 26.07
CA SER A 253 -1.82 -4.18 25.78
C SER A 253 -3.07 -3.77 26.55
N HIS A 254 -2.92 -3.18 27.74
CA HIS A 254 -4.05 -2.76 28.54
C HIS A 254 -3.75 -1.39 29.13
N TYR A 255 -4.62 -0.42 28.87
CA TYR A 255 -4.47 0.94 29.37
C TYR A 255 -5.46 1.18 30.50
N GLN A 256 -4.99 1.76 31.59
CA GLN A 256 -5.81 2.06 32.76
C GLN A 256 -5.69 3.55 33.09
N ALA A 257 -6.83 4.16 33.44
CA ALA A 257 -6.85 5.57 33.78
C ALA A 257 -8.07 5.86 34.64
N GLY A 258 -7.92 6.77 35.59
CA GLY A 258 -9.00 7.17 36.48
C GLY A 258 -9.49 8.56 36.13
N VAL A 259 -10.80 8.74 36.11
CA VAL A 259 -11.41 10.00 35.72
C VAL A 259 -12.38 10.45 36.81
N PRO A 260 -12.27 11.69 37.30
CA PRO A 260 -13.31 12.22 38.19
C PRO A 260 -14.58 12.53 37.41
N GLU A 261 -15.72 12.19 38.01
CA GLU A 261 -17.00 12.41 37.34
C GLU A 261 -17.34 13.88 37.15
N ASP A 262 -16.60 14.78 37.80
CA ASP A 262 -16.78 16.21 37.61
C ASP A 262 -15.98 16.76 36.44
N ALA A 263 -15.39 15.88 35.62
CA ALA A 263 -14.56 16.32 34.51
C ALA A 263 -15.39 17.09 33.49
N VAL A 264 -14.91 18.26 33.10
CA VAL A 264 -15.61 19.10 32.14
C VAL A 264 -15.46 18.52 30.74
N VAL A 265 -16.35 18.93 29.84
CA VAL A 265 -16.34 18.42 28.47
C VAL A 265 -15.11 18.94 27.76
N GLY A 266 -14.28 18.02 27.26
CA GLY A 266 -13.07 18.37 26.54
C GLY A 266 -11.78 17.99 27.25
N SER A 267 -11.85 17.62 28.53
CA SER A 267 -10.64 17.24 29.26
C SER A 267 -10.10 15.91 28.74
N SER A 268 -8.88 15.60 29.16
CA SER A 268 -8.20 14.40 28.71
C SER A 268 -8.46 13.24 29.66
N VAL A 269 -8.62 12.04 29.09
CA VAL A 269 -8.85 10.83 29.86
C VAL A 269 -7.57 10.02 29.96
N LEU A 270 -7.04 9.62 28.80
CA LEU A 270 -5.78 8.89 28.74
C LEU A 270 -5.16 9.13 27.37
N GLN A 271 -3.97 8.56 27.17
CA GLN A 271 -3.22 8.73 25.94
C GLN A 271 -2.72 7.38 25.47
N VAL A 272 -3.13 6.96 24.28
CA VAL A 272 -2.66 5.73 23.68
C VAL A 272 -1.55 6.05 22.68
N ALA A 273 -0.71 5.06 22.40
CA ALA A 273 0.41 5.23 21.49
C ALA A 273 0.62 3.94 20.72
N ALA A 274 0.76 4.05 19.40
CA ALA A 274 1.03 2.92 18.53
C ALA A 274 2.16 3.27 17.58
N ALA A 275 2.63 2.25 16.86
CA ALA A 275 3.71 2.43 15.90
C ALA A 275 3.57 1.41 14.79
N ASP A 276 4.10 1.73 13.62
CA ASP A 276 4.03 0.88 12.45
C ASP A 276 5.42 0.76 11.84
N ALA A 277 5.85 -0.48 11.57
CA ALA A 277 7.20 -0.72 11.07
C ALA A 277 7.39 -0.33 9.61
N ASP A 278 6.31 0.01 8.90
CA ASP A 278 6.41 0.36 7.49
C ASP A 278 6.79 1.83 7.33
N GLU A 279 6.87 2.28 6.09
CA GLU A 279 7.36 3.61 5.75
C GLU A 279 6.30 4.40 4.99
N GLY A 280 6.10 5.65 5.39
CA GLY A 280 5.27 6.56 4.59
C GLY A 280 3.80 6.32 4.84
N THR A 281 3.05 6.17 3.74
CA THR A 281 1.60 6.00 3.84
C THR A 281 1.23 4.76 4.65
N ASN A 282 2.03 3.70 4.56
CA ASN A 282 1.79 2.50 5.34
C ASN A 282 2.19 2.66 6.80
N ALA A 283 2.65 3.85 7.20
CA ALA A 283 3.00 4.11 8.59
C ALA A 283 2.09 5.14 9.26
N ASP A 284 1.25 5.84 8.50
CA ASP A 284 0.30 6.77 9.08
C ASP A 284 -0.81 5.99 9.77
N ILE A 285 -0.89 6.15 11.09
CA ILE A 285 -1.85 5.40 11.92
C ILE A 285 -3.01 6.32 12.27
N ARG A 286 -4.23 5.79 12.14
CA ARG A 286 -5.44 6.49 12.54
C ARG A 286 -6.07 5.75 13.72
N TYR A 287 -6.10 6.40 14.88
CA TYR A 287 -6.71 5.80 16.05
C TYR A 287 -8.23 5.98 16.03
N ARG A 288 -8.94 5.05 16.65
CA ARG A 288 -10.37 5.19 16.83
C ARG A 288 -10.82 4.24 17.94
N LEU A 289 -11.86 4.66 18.65
CA LEU A 289 -12.45 3.82 19.68
C LEU A 289 -13.41 2.83 19.03
N GLN A 290 -13.23 1.53 19.34
CA GLN A 290 -14.03 0.50 18.68
C GLN A 290 -15.51 0.67 18.94
N ASP A 291 -15.87 1.20 20.12
CA ASP A 291 -17.27 1.48 20.48
C ASP A 291 -17.34 2.93 20.91
N GLU A 292 -17.59 3.82 19.96
CA GLU A 292 -17.70 5.25 20.25
C GLU A 292 -19.09 5.65 20.72
N GLY A 293 -19.93 4.70 21.09
CA GLY A 293 -21.20 5.02 21.73
C GLY A 293 -21.06 5.51 23.16
N THR A 294 -19.87 5.38 23.73
CA THR A 294 -19.61 5.88 25.07
C THR A 294 -19.54 7.40 25.08
N PRO A 295 -19.64 8.04 26.26
CA PRO A 295 -19.55 9.50 26.31
C PRO A 295 -18.14 10.03 26.11
N PHE A 296 -17.26 9.24 25.51
CA PHE A 296 -15.90 9.64 25.21
C PHE A 296 -15.76 9.90 23.70
N GLN A 297 -14.54 10.26 23.30
CA GLN A 297 -14.24 10.54 21.90
C GLN A 297 -12.75 10.37 21.68
N MET A 298 -12.39 9.77 20.56
CA MET A 298 -11.00 9.47 20.22
C MET A 298 -10.54 10.42 19.12
N ASP A 299 -9.46 11.15 19.40
CA ASP A 299 -8.82 11.95 18.36
C ASP A 299 -8.12 11.01 17.39
N PRO A 300 -8.49 11.01 16.10
CA PRO A 300 -7.96 10.00 15.18
C PRO A 300 -6.49 10.16 14.83
N GLU A 301 -5.76 11.09 15.44
CA GLU A 301 -4.36 11.30 15.09
C GLU A 301 -3.46 11.29 16.31
N THR A 302 -3.83 12.02 17.36
CA THR A 302 -3.00 12.05 18.56
C THR A 302 -3.27 10.86 19.47
N GLY A 303 -4.48 10.30 19.43
CA GLY A 303 -4.84 9.21 20.31
C GLY A 303 -5.21 9.62 21.71
N LEU A 304 -5.83 10.79 21.87
CA LEU A 304 -6.18 11.33 23.17
C LEU A 304 -7.67 11.14 23.40
N ILE A 305 -8.03 10.22 24.29
CA ILE A 305 -9.43 10.04 24.65
C ILE A 305 -9.89 11.24 25.46
N THR A 306 -10.94 11.90 25.00
CA THR A 306 -11.46 13.10 25.65
C THR A 306 -12.90 12.87 26.10
N VAL A 307 -13.34 13.69 27.05
CA VAL A 307 -14.70 13.60 27.58
C VAL A 307 -15.61 14.38 26.64
N ARG A 308 -16.44 13.64 25.88
CA ARG A 308 -17.32 14.28 24.91
C ARG A 308 -18.63 14.74 25.53
N GLU A 309 -19.13 14.03 26.54
CA GLU A 309 -20.36 14.37 27.22
C GLU A 309 -20.15 14.32 28.73
N PRO A 310 -20.85 15.16 29.49
CA PRO A 310 -20.64 15.20 30.94
C PRO A 310 -20.91 13.86 31.59
N LEU A 311 -20.01 13.46 32.49
CA LEU A 311 -20.06 12.16 33.11
C LEU A 311 -20.84 12.20 34.42
N ASP A 312 -21.05 11.01 35.00
CA ASP A 312 -21.70 10.87 36.29
C ASP A 312 -21.35 9.50 36.85
N PHE A 313 -20.92 9.47 38.11
CA PHE A 313 -20.46 8.22 38.71
C PHE A 313 -21.62 7.26 38.95
N GLU A 314 -22.76 7.77 39.42
CA GLU A 314 -23.89 6.91 39.73
C GLU A 314 -24.53 6.30 38.49
N ALA A 315 -24.18 6.78 37.30
CA ALA A 315 -24.73 6.19 36.08
C ALA A 315 -24.03 4.88 35.73
N ARG A 316 -22.69 4.88 35.73
CA ARG A 316 -21.92 3.68 35.47
C ARG A 316 -20.58 3.79 36.19
N ARG A 317 -20.11 2.66 36.72
CA ARG A 317 -18.87 2.62 37.47
C ARG A 317 -17.66 2.80 36.55
N GLN A 318 -17.41 1.81 35.69
CA GLN A 318 -16.22 1.81 34.85
C GLN A 318 -16.61 1.36 33.44
N TYR A 319 -15.75 1.71 32.48
CA TYR A 319 -15.94 1.36 31.08
C TYR A 319 -14.81 0.45 30.64
N SER A 320 -15.16 -0.68 30.02
CA SER A 320 -14.18 -1.61 29.46
C SER A 320 -14.19 -1.41 27.95
N LEU A 321 -13.35 -0.51 27.48
CA LEU A 321 -13.33 -0.12 26.08
C LEU A 321 -12.31 -0.95 25.30
N THR A 322 -12.25 -0.71 23.99
CA THR A 322 -11.26 -1.33 23.12
C THR A 322 -10.85 -0.31 22.07
N VAL A 323 -9.54 -0.09 21.95
CA VAL A 323 -9.01 0.91 21.04
C VAL A 323 -8.47 0.23 19.79
N GLN A 324 -8.56 0.92 18.66
CA GLN A 324 -8.08 0.42 17.39
C GLN A 324 -6.93 1.28 16.89
N ALA A 325 -6.16 0.72 15.97
CA ALA A 325 -5.06 1.43 15.31
C ALA A 325 -5.03 0.98 13.85
N MET A 326 -5.38 1.88 12.94
CA MET A 326 -5.53 1.55 11.53
C MET A 326 -4.48 2.32 10.73
N ASP A 327 -3.73 1.59 9.89
CA ASP A 327 -2.74 2.21 9.03
C ASP A 327 -3.36 2.59 7.69
N ARG A 328 -2.72 3.55 7.01
CA ARG A 328 -3.21 4.08 5.75
C ARG A 328 -2.67 3.32 4.54
N GLY A 329 -2.29 2.06 4.71
CA GLY A 329 -1.79 1.28 3.59
C GLY A 329 -2.84 1.06 2.53
N VAL A 330 -2.39 0.50 1.41
CA VAL A 330 -3.29 0.24 0.27
C VAL A 330 -4.30 -0.82 0.69
N PRO A 331 -3.89 -1.94 1.33
CA PRO A 331 -4.86 -2.72 2.10
C PRO A 331 -4.67 -2.50 3.60
N SER A 332 -5.64 -1.86 4.23
CA SER A 332 -5.45 -1.40 5.61
C SER A 332 -5.43 -2.57 6.59
N LEU A 333 -4.69 -2.39 7.68
CA LEU A 333 -4.60 -3.35 8.76
C LEU A 333 -4.99 -2.67 10.07
N THR A 334 -5.27 -3.47 11.09
CA THR A 334 -5.76 -2.95 12.35
C THR A 334 -5.13 -3.69 13.52
N GLY A 335 -4.76 -2.93 14.54
CA GLY A 335 -4.31 -3.48 15.80
C GLY A 335 -5.20 -3.00 16.93
N ARG A 336 -5.35 -3.83 17.96
CA ARG A 336 -6.30 -3.56 19.04
C ARG A 336 -5.63 -3.74 20.40
N ALA A 337 -6.29 -3.22 21.41
CA ALA A 337 -5.89 -3.31 22.81
C ALA A 337 -7.04 -2.84 23.68
N GLU A 338 -7.15 -3.41 24.87
CA GLU A 338 -8.23 -3.05 25.78
C GLU A 338 -7.87 -1.80 26.56
N ALA A 339 -8.86 -0.93 26.76
CA ALA A 339 -8.69 0.31 27.51
C ALA A 339 -9.73 0.35 28.62
N LEU A 340 -9.26 0.39 29.87
CA LEU A 340 -10.13 0.44 31.03
C LEU A 340 -10.11 1.84 31.62
N ILE A 341 -11.29 2.43 31.81
CA ILE A 341 -11.44 3.76 32.37
C ILE A 341 -12.32 3.65 33.60
N GLN A 342 -11.75 3.95 34.77
CA GLN A 342 -12.47 3.95 36.03
C GLN A 342 -12.92 5.35 36.37
N LEU A 343 -14.21 5.52 36.66
CA LEU A 343 -14.73 6.79 37.11
C LEU A 343 -14.51 6.95 38.61
N LEU A 344 -14.16 8.16 39.02
CA LEU A 344 -13.94 8.48 40.43
C LEU A 344 -15.10 9.31 40.94
N ASP A 345 -15.69 8.88 42.06
CA ASP A 345 -16.88 9.51 42.58
C ASP A 345 -16.54 10.79 43.33
N VAL A 346 -17.45 11.77 43.25
CA VAL A 346 -17.38 12.99 44.04
C VAL A 346 -18.74 13.24 44.66
N ASN A 347 -18.75 14.00 45.75
CA ASN A 347 -19.99 14.29 46.48
C ASN A 347 -20.76 15.35 45.72
N ASP A 348 -21.57 14.91 44.75
CA ASP A 348 -22.43 15.81 43.99
C ASP A 348 -23.91 15.56 44.23
N ASN A 349 -24.26 14.57 45.05
CA ASN A 349 -25.64 14.30 45.44
C ASN A 349 -25.77 14.48 46.94
N ASP A 350 -26.82 15.18 47.36
CA ASP A 350 -27.09 15.49 48.76
C ASP A 350 -27.95 14.40 49.40
N PRO A 351 -27.85 14.22 50.71
CA PRO A 351 -28.65 13.21 51.39
C PRO A 351 -30.03 13.72 51.76
N VAL A 352 -30.98 12.79 51.81
CA VAL A 352 -32.36 13.09 52.18
C VAL A 352 -32.80 12.14 53.28
N VAL A 353 -33.80 12.56 54.04
CA VAL A 353 -34.34 11.79 55.16
C VAL A 353 -35.85 11.76 55.03
N LYS A 354 -36.42 10.57 54.91
CA LYS A 354 -37.86 10.37 54.85
C LYS A 354 -38.30 9.51 56.02
N PHE A 355 -39.45 9.84 56.60
CA PHE A 355 -39.91 9.22 57.84
C PHE A 355 -41.12 8.33 57.60
N ARG A 356 -41.26 7.32 58.45
CA ARG A 356 -42.45 6.49 58.52
C ARG A 356 -42.88 6.42 59.98
N TYR A 357 -44.05 6.96 60.28
CA TYR A 357 -44.49 7.05 61.68
C TYR A 357 -45.73 6.21 61.96
N PHE A 358 -46.46 6.56 63.02
CA PHE A 358 -47.50 5.67 63.55
C PHE A 358 -48.65 5.46 62.58
N PRO A 359 -49.31 6.50 62.04
CA PRO A 359 -50.23 6.26 60.92
C PRO A 359 -49.53 6.45 59.58
N ALA A 360 -50.13 5.85 58.55
CA ALA A 360 -49.57 5.89 57.21
C ALA A 360 -50.02 7.13 56.45
N THR A 361 -51.26 7.10 55.94
CA THR A 361 -51.81 8.21 55.15
C THR A 361 -52.29 9.31 56.10
N SER A 362 -51.32 9.97 56.72
CA SER A 362 -51.60 11.06 57.65
C SER A 362 -50.65 12.21 57.38
N ARG A 363 -51.14 13.43 57.62
CA ARG A 363 -50.30 14.61 57.47
C ARG A 363 -49.25 14.67 58.57
N TYR A 364 -49.66 14.47 59.83
CA TYR A 364 -48.81 14.65 60.99
C TYR A 364 -48.88 13.42 61.87
N ALA A 365 -47.78 13.13 62.55
CA ALA A 365 -47.68 11.93 63.37
C ALA A 365 -48.53 12.04 64.63
N SER A 366 -49.00 10.89 65.11
CA SER A 366 -49.85 10.82 66.29
C SER A 366 -49.35 9.71 67.20
N VAL A 367 -49.21 10.01 68.49
CA VAL A 367 -48.74 9.06 69.48
C VAL A 367 -49.68 9.08 70.68
N ASP A 368 -49.97 7.90 71.22
CA ASP A 368 -50.80 7.82 72.42
C ASP A 368 -50.03 8.35 73.63
N GLU A 369 -50.78 8.90 74.58
CA GLU A 369 -50.14 9.50 75.75
C GLU A 369 -49.55 8.43 76.68
N ASN A 370 -50.27 7.33 76.87
CA ASN A 370 -49.82 6.26 77.75
C ASN A 370 -48.78 5.36 77.09
N ALA A 371 -48.10 5.85 76.04
CA ALA A 371 -47.08 5.07 75.36
C ALA A 371 -45.97 4.69 76.34
N GLN A 372 -45.82 3.38 76.58
CA GLN A 372 -44.85 2.90 77.54
C GLN A 372 -43.43 3.24 77.06
N VAL A 373 -42.54 3.49 78.04
CA VAL A 373 -41.19 3.90 77.73
C VAL A 373 -40.44 2.77 77.03
N GLY A 374 -39.83 3.08 75.89
CA GLY A 374 -39.06 2.11 75.14
C GLY A 374 -39.70 1.60 73.87
N THR A 375 -40.75 2.24 73.37
CA THR A 375 -41.43 1.82 72.16
C THR A 375 -41.09 2.76 71.02
N VAL A 376 -40.97 2.22 69.81
CA VAL A 376 -40.58 3.00 68.65
C VAL A 376 -41.76 3.78 68.12
N VAL A 377 -41.51 5.01 67.69
CA VAL A 377 -42.53 5.88 67.12
C VAL A 377 -42.36 6.03 65.60
N ALA A 378 -41.17 6.45 65.18
CA ALA A 378 -40.88 6.67 63.76
C ALA A 378 -39.51 6.11 63.44
N LEU A 379 -39.13 6.20 62.17
CA LEU A 379 -37.85 5.69 61.69
C LEU A 379 -37.10 6.78 60.95
N LEU A 380 -35.81 6.90 61.23
CA LEU A 380 -34.94 7.89 60.58
C LEU A 380 -34.22 7.18 59.43
N THR A 381 -34.80 7.28 58.24
CA THR A 381 -34.22 6.66 57.05
C THR A 381 -33.34 7.67 56.35
N VAL A 382 -32.02 7.46 56.44
CA VAL A 382 -31.04 8.34 55.80
C VAL A 382 -30.65 7.71 54.47
N THR A 383 -30.96 8.40 53.38
CA THR A 383 -30.67 7.93 52.03
C THR A 383 -29.55 8.78 51.43
N ASP A 384 -28.56 8.12 50.84
CA ASP A 384 -27.45 8.80 50.17
C ASP A 384 -27.10 8.01 48.92
N ALA A 385 -27.18 8.69 47.76
CA ALA A 385 -26.95 8.01 46.49
C ALA A 385 -25.47 7.81 46.20
N ASP A 386 -24.61 8.69 46.69
CA ASP A 386 -23.19 8.60 46.39
C ASP A 386 -22.54 7.45 47.16
N SER A 387 -21.41 6.98 46.64
CA SER A 387 -20.70 5.88 47.25
C SER A 387 -19.95 6.34 48.51
N PRO A 388 -19.76 5.45 49.49
CA PRO A 388 -19.05 5.85 50.71
C PRO A 388 -17.61 6.25 50.48
N ALA A 389 -17.00 5.82 49.37
CA ALA A 389 -15.61 6.18 49.09
C ALA A 389 -15.45 7.67 48.87
N ALA A 390 -16.50 8.36 48.43
CA ALA A 390 -16.47 9.80 48.22
C ALA A 390 -17.44 10.56 49.10
N ASN A 391 -18.12 9.88 50.03
CA ASN A 391 -19.09 10.53 50.90
C ASN A 391 -18.73 10.48 52.37
N GLY A 392 -17.73 9.67 52.76
CA GLY A 392 -17.28 9.62 54.13
C GLY A 392 -18.35 9.20 55.12
N ASN A 393 -18.03 9.41 56.39
CA ASN A 393 -18.96 9.09 57.47
C ASN A 393 -20.08 10.13 57.51
N ILE A 394 -21.30 9.65 57.77
CA ILE A 394 -22.48 10.49 57.81
C ILE A 394 -22.83 10.77 59.26
N SER A 395 -23.01 12.05 59.59
CA SER A 395 -23.39 12.48 60.92
C SER A 395 -24.84 12.91 60.94
N VAL A 396 -25.50 12.69 62.07
CA VAL A 396 -26.90 13.08 62.27
C VAL A 396 -27.04 13.64 63.68
N GLN A 397 -27.51 14.88 63.78
CA GLN A 397 -27.70 15.54 65.06
C GLN A 397 -29.11 16.10 65.13
N ILE A 398 -29.49 16.56 66.33
CA ILE A 398 -30.84 17.02 66.60
C ILE A 398 -30.84 18.54 66.65
N LEU A 399 -31.85 19.11 65.99
CA LEU A 399 -31.98 20.58 65.98
C LEU A 399 -33.46 20.94 66.07
N GLY A 400 -33.75 22.05 66.74
CA GLY A 400 -35.12 22.58 66.81
C GLY A 400 -36.13 21.57 67.28
N GLY A 401 -35.81 20.74 68.27
CA GLY A 401 -36.84 19.79 68.71
C GLY A 401 -36.70 19.48 70.19
N ASN A 402 -36.38 18.23 70.50
CA ASN A 402 -36.18 17.76 71.88
C ASN A 402 -34.82 17.04 71.96
N GLU A 403 -33.75 17.82 71.78
CA GLU A 403 -32.41 17.28 72.04
C GLU A 403 -32.30 17.49 73.54
N GLN A 404 -33.18 16.83 74.29
CA GLN A 404 -33.25 17.09 75.71
C GLN A 404 -33.79 15.89 76.49
N ARG A 405 -33.44 14.68 76.05
CA ARG A 405 -33.86 13.43 76.72
C ARG A 405 -35.39 13.36 76.91
N HIS A 406 -36.15 14.17 76.17
CA HIS A 406 -37.59 13.99 76.12
C HIS A 406 -37.93 12.63 75.54
N PHE A 407 -37.20 12.23 74.51
CA PHE A 407 -37.21 10.87 73.99
C PHE A 407 -35.96 10.70 73.13
N GLU A 408 -35.24 9.59 73.33
CA GLU A 408 -33.93 9.47 72.73
C GLU A 408 -34.02 9.02 71.28
N VAL A 409 -32.96 9.32 70.53
CA VAL A 409 -32.75 8.77 69.19
C VAL A 409 -31.60 7.79 69.26
N GLN A 410 -31.68 6.74 68.47
CA GLN A 410 -30.72 5.64 68.56
C GLN A 410 -30.32 5.18 67.17
N SER A 411 -29.02 5.09 66.95
CA SER A 411 -28.49 4.47 65.72
C SER A 411 -28.69 2.96 65.81
N SER A 412 -29.59 2.42 64.99
CA SER A 412 -29.94 1.01 65.08
C SER A 412 -28.79 0.14 64.60
N LYS A 413 -28.98 -1.18 64.71
CA LYS A 413 -27.99 -2.12 64.20
C LYS A 413 -27.83 -2.01 62.70
N VAL A 414 -28.88 -1.58 62.01
CA VAL A 414 -28.76 -1.24 60.57
C VAL A 414 -27.93 0.02 60.44
N PRO A 415 -26.97 0.08 59.49
CA PRO A 415 -26.07 1.24 59.42
C PRO A 415 -26.76 2.58 59.28
N ASN A 416 -27.58 2.75 58.23
CA ASN A 416 -28.20 4.04 57.99
C ASN A 416 -29.43 4.26 58.85
N LEU A 417 -30.19 3.21 59.12
CA LEU A 417 -31.45 3.36 59.83
C LEU A 417 -31.23 3.72 61.29
N SER A 418 -32.09 4.60 61.80
CA SER A 418 -32.09 4.97 63.21
C SER A 418 -33.51 4.86 63.75
N LEU A 419 -33.62 4.70 65.07
CA LEU A 419 -34.89 4.47 65.73
C LEU A 419 -35.31 5.70 66.52
N ILE A 420 -36.61 6.01 66.49
CA ILE A 420 -37.19 7.11 67.23
C ILE A 420 -38.12 6.50 68.27
N LYS A 421 -37.68 6.46 69.53
CA LYS A 421 -38.44 5.84 70.60
C LYS A 421 -39.00 6.91 71.53
N VAL A 422 -39.54 6.47 72.66
CA VAL A 422 -40.06 7.34 73.71
C VAL A 422 -39.32 6.98 74.99
N ALA A 423 -38.34 7.80 75.37
CA ALA A 423 -37.49 7.54 76.52
C ALA A 423 -38.07 8.08 77.83
N SER A 424 -39.30 8.56 77.82
CA SER A 424 -39.91 9.11 79.02
C SER A 424 -41.42 9.21 78.83
N ALA A 425 -42.13 9.27 79.95
CA ALA A 425 -43.57 9.53 79.95
C ALA A 425 -43.79 11.02 80.11
N LEU A 426 -44.69 11.58 79.30
CA LEU A 426 -44.87 13.01 79.18
C LEU A 426 -46.31 13.40 79.50
N ASP A 427 -46.61 14.68 79.30
CA ASP A 427 -47.94 15.24 79.52
C ASP A 427 -48.53 15.70 78.20
N ARG A 428 -49.85 15.67 78.11
CA ARG A 428 -50.54 16.05 76.88
C ARG A 428 -50.82 17.55 76.81
N GLU A 429 -51.27 18.14 77.92
CA GLU A 429 -51.65 19.56 77.89
C GLU A 429 -50.44 20.47 77.87
N ARG A 430 -49.36 20.08 78.56
CA ARG A 430 -48.16 20.93 78.60
C ARG A 430 -47.52 21.06 77.22
N ILE A 431 -47.16 19.93 76.62
CA ILE A 431 -46.59 19.92 75.27
C ILE A 431 -47.43 19.01 74.39
N PRO A 432 -48.44 19.53 73.70
CA PRO A 432 -49.29 18.68 72.86
C PRO A 432 -48.71 18.39 71.49
N SER A 433 -47.63 19.07 71.07
CA SER A 433 -47.06 18.86 69.75
C SER A 433 -45.58 19.21 69.78
N TYR A 434 -44.86 18.67 68.80
CA TYR A 434 -43.42 18.89 68.65
C TYR A 434 -43.11 19.22 67.20
N ASN A 435 -42.00 19.93 66.98
CA ASN A 435 -41.52 20.28 65.64
C ASN A 435 -40.05 19.89 65.51
N LEU A 436 -39.78 18.59 65.65
CA LEU A 436 -38.40 18.09 65.65
C LEU A 436 -37.88 17.98 64.23
N THR A 437 -36.70 18.57 63.99
CA THR A 437 -35.98 18.44 62.74
C THR A 437 -34.58 17.93 63.01
N VAL A 438 -33.97 17.34 61.98
CA VAL A 438 -32.64 16.73 62.09
C VAL A 438 -31.77 17.21 60.95
N SER A 439 -30.49 16.87 61.03
CA SER A 439 -29.50 17.24 60.04
C SER A 439 -28.76 15.99 59.57
N VAL A 440 -28.10 16.11 58.42
CA VAL A 440 -27.29 15.04 57.87
C VAL A 440 -26.26 15.65 56.92
N SER A 441 -24.99 15.31 57.12
CA SER A 441 -23.89 15.93 56.39
C SER A 441 -23.06 14.89 55.67
N ASP A 442 -22.65 15.22 54.45
CA ASP A 442 -21.76 14.39 53.67
C ASP A 442 -20.31 14.74 53.97
N ASN A 443 -19.45 13.73 53.99
CA ASN A 443 -18.01 13.89 54.18
C ASN A 443 -17.70 14.65 55.48
N TYR A 444 -18.55 14.48 56.50
CA TYR A 444 -18.36 15.19 57.75
C TYR A 444 -17.30 14.52 58.61
N GLY A 445 -16.67 15.31 59.47
CA GLY A 445 -15.55 14.83 60.25
C GLY A 445 -14.27 14.72 59.47
N ALA A 446 -14.12 15.52 58.41
CA ALA A 446 -12.96 15.45 57.54
C ALA A 446 -11.77 16.17 58.16
N PRO A 447 -10.55 15.80 57.78
CA PRO A 447 -9.36 16.52 58.25
C PRO A 447 -9.36 17.94 57.75
N PRO A 448 -8.57 18.83 58.36
CA PRO A 448 -8.56 20.23 57.92
C PRO A 448 -8.01 20.38 56.51
N GLY A 449 -8.55 21.37 55.80
CA GLY A 449 -8.11 21.63 54.44
C GLY A 449 -8.51 20.58 53.44
N ALA A 450 -9.49 19.74 53.74
CA ALA A 450 -9.91 18.69 52.84
C ALA A 450 -10.70 19.26 51.67
N ALA A 451 -10.46 18.70 50.49
CA ALA A 451 -11.20 19.12 49.29
C ALA A 451 -12.62 18.58 49.25
N VAL A 452 -12.92 17.56 50.05
CA VAL A 452 -14.25 16.98 50.09
C VAL A 452 -15.14 17.80 51.02
N GLN A 453 -15.59 18.97 50.54
CA GLN A 453 -16.41 19.83 51.36
C GLN A 453 -17.77 19.18 51.64
N ALA A 454 -18.40 19.62 52.72
CA ALA A 454 -19.63 19.02 53.19
C ALA A 454 -20.85 19.62 52.48
N ARG A 455 -21.86 18.76 52.27
CA ARG A 455 -23.13 19.17 51.69
C ARG A 455 -24.25 18.53 52.49
N SER A 456 -25.17 19.35 53.00
CA SER A 456 -26.18 18.90 53.95
C SER A 456 -27.57 19.28 53.48
N SER A 457 -28.56 18.68 54.13
CA SER A 457 -29.97 18.96 53.89
C SER A 457 -30.75 18.57 55.14
N VAL A 458 -31.71 19.40 55.52
CA VAL A 458 -32.46 19.20 56.77
C VAL A 458 -33.92 19.01 56.45
N ALA A 459 -34.58 18.15 57.23
CA ALA A 459 -36.01 17.89 57.11
C ALA A 459 -36.62 17.84 58.50
N SER A 460 -37.94 18.01 58.56
CA SER A 460 -38.66 18.09 59.82
C SER A 460 -39.79 17.09 59.86
N LEU A 461 -40.12 16.64 61.07
CA LEU A 461 -41.28 15.78 61.31
C LEU A 461 -41.89 16.18 62.64
N VAL A 462 -43.21 16.32 62.66
CA VAL A 462 -43.93 16.76 63.84
C VAL A 462 -44.55 15.54 64.53
N ILE A 463 -44.83 15.68 65.82
CA ILE A 463 -45.44 14.64 66.63
C ILE A 463 -46.61 15.23 67.40
N PHE A 464 -47.71 14.48 67.45
CA PHE A 464 -48.90 14.90 68.19
C PHE A 464 -49.31 13.82 69.16
N VAL A 465 -49.83 14.23 70.31
CA VAL A 465 -50.34 13.33 71.33
C VAL A 465 -51.85 13.29 71.20
N ASN A 466 -52.39 12.13 70.80
CA ASN A 466 -53.82 11.99 70.54
C ASN A 466 -54.29 10.67 71.16
N ASP A 467 -54.89 10.75 72.34
CA ASP A 467 -55.45 9.58 73.00
C ASP A 467 -56.96 9.69 73.09
N PRO B 1 -31.61 -12.87 70.58
CA PRO B 1 -31.11 -11.64 69.95
C PRO B 1 -32.18 -10.56 69.85
N GLN B 2 -31.82 -9.43 69.24
CA GLN B 2 -32.74 -8.30 69.10
C GLN B 2 -32.89 -7.86 67.63
N ALA B 3 -32.47 -8.71 66.70
CA ALA B 3 -32.57 -8.39 65.28
C ALA B 3 -32.59 -9.69 64.49
N GLY B 4 -32.93 -9.57 63.20
CA GLY B 4 -32.98 -10.71 62.32
C GLY B 4 -32.77 -10.30 60.89
N SER B 5 -32.52 -11.30 60.04
CA SER B 5 -32.31 -11.11 58.62
C SER B 5 -33.04 -12.19 57.84
N LEU B 6 -33.57 -11.83 56.68
CA LEU B 6 -34.34 -12.76 55.87
C LEU B 6 -34.15 -12.45 54.40
N ASP B 7 -33.95 -13.49 53.60
CA ASP B 7 -33.82 -13.37 52.16
C ASP B 7 -35.02 -14.03 51.47
N LEU B 8 -35.41 -13.46 50.33
CA LEU B 8 -36.55 -13.95 49.58
C LEU B 8 -36.19 -14.03 48.11
N GLN B 9 -37.14 -14.49 47.29
CA GLN B 9 -36.93 -14.64 45.86
C GLN B 9 -38.28 -14.69 45.17
N ILE B 10 -38.30 -14.22 43.92
CA ILE B 10 -39.51 -14.25 43.11
C ILE B 10 -39.10 -14.31 41.65
N ASP B 11 -39.96 -14.88 40.82
CA ASP B 11 -39.69 -14.99 39.40
C ASP B 11 -40.08 -13.69 38.68
N GLU B 12 -39.65 -13.60 37.43
CA GLU B 12 -39.89 -12.43 36.62
C GLU B 12 -41.30 -12.40 36.07
N GLU B 13 -41.73 -11.21 35.65
CA GLU B 13 -42.93 -10.95 34.87
C GLU B 13 -44.08 -11.87 35.21
N GLN B 14 -44.28 -12.11 36.47
CA GLN B 14 -45.44 -12.74 37.07
C GLN B 14 -46.42 -11.67 37.52
N PRO B 15 -47.73 -11.94 37.48
CA PRO B 15 -48.72 -10.90 37.70
C PRO B 15 -48.60 -10.27 39.09
N ALA B 16 -49.14 -9.06 39.19
CA ALA B 16 -49.10 -8.33 40.45
C ALA B 16 -49.94 -9.03 41.51
N GLY B 17 -49.68 -8.68 42.77
CA GLY B 17 -50.30 -9.36 43.88
C GLY B 17 -49.77 -10.74 44.17
N THR B 18 -48.81 -11.22 43.38
CA THR B 18 -48.22 -12.54 43.62
C THR B 18 -47.48 -12.54 44.96
N LEU B 19 -47.57 -13.66 45.67
CA LEU B 19 -46.98 -13.75 47.00
C LEU B 19 -45.47 -13.61 46.94
N ILE B 20 -44.93 -12.84 47.88
CA ILE B 20 -43.49 -12.66 48.03
C ILE B 20 -42.98 -13.39 49.28
N GLY B 21 -43.63 -13.18 50.41
CA GLY B 21 -43.22 -13.83 51.64
C GLY B 21 -43.90 -13.19 52.82
N ASP B 22 -43.37 -13.47 54.01
CA ASP B 22 -43.89 -12.92 55.25
C ASP B 22 -42.73 -12.46 56.11
N ILE B 23 -42.85 -11.26 56.68
CA ILE B 23 -41.80 -10.73 57.55
C ILE B 23 -41.74 -11.48 58.87
N SER B 24 -42.79 -12.25 59.20
CA SER B 24 -42.82 -12.97 60.47
C SER B 24 -41.69 -13.98 60.59
N ALA B 25 -41.28 -14.58 59.47
CA ALA B 25 -40.21 -15.58 59.51
C ALA B 25 -38.85 -14.97 59.81
N GLY B 26 -38.68 -13.67 59.58
CA GLY B 26 -37.40 -13.03 59.84
C GLY B 26 -37.18 -12.59 61.27
N LEU B 27 -38.25 -12.47 62.04
CA LEU B 27 -38.13 -12.08 63.44
C LEU B 27 -37.41 -13.16 64.23
N PRO B 28 -36.70 -12.78 65.31
CA PRO B 28 -36.09 -13.80 66.17
C PRO B 28 -37.16 -14.69 66.80
N ALA B 29 -36.85 -15.98 66.89
CA ALA B 29 -37.80 -16.95 67.41
C ALA B 29 -38.10 -16.67 68.88
N GLY B 30 -39.39 -16.59 69.21
CA GLY B 30 -39.83 -16.36 70.57
C GLY B 30 -40.21 -14.93 70.90
N THR B 31 -39.96 -13.99 69.98
CA THR B 31 -40.29 -12.60 70.24
C THR B 31 -41.80 -12.38 70.11
N ALA B 32 -42.25 -11.27 70.69
CA ALA B 32 -43.68 -10.96 70.70
C ALA B 32 -44.18 -10.64 69.30
N ALA B 33 -45.44 -10.96 69.05
CA ALA B 33 -46.06 -10.68 67.77
C ALA B 33 -46.35 -9.18 67.64
N PRO B 34 -45.69 -8.46 66.75
CA PRO B 34 -45.90 -7.02 66.68
C PRO B 34 -47.26 -6.67 66.07
N LEU B 35 -47.75 -5.49 66.44
CA LEU B 35 -49.03 -5.01 65.93
C LEU B 35 -48.91 -4.28 64.60
N MET B 36 -47.70 -3.84 64.23
CA MET B 36 -47.50 -3.10 63.00
C MET B 36 -46.03 -3.19 62.61
N TYR B 37 -45.76 -3.34 61.31
CA TYR B 37 -44.42 -3.45 60.78
C TYR B 37 -44.05 -2.11 60.13
N PHE B 38 -43.23 -1.32 60.81
CA PHE B 38 -42.73 -0.08 60.24
C PHE B 38 -41.72 -0.39 59.15
N ILE B 39 -41.97 0.10 57.95
CA ILE B 39 -41.14 -0.18 56.78
C ILE B 39 -40.19 0.98 56.54
N SER B 40 -38.90 0.67 56.44
CA SER B 40 -37.87 1.67 56.14
C SER B 40 -37.06 1.18 54.95
N ALA B 41 -37.22 1.84 53.81
CA ALA B 41 -36.51 1.49 52.59
C ALA B 41 -35.72 2.69 52.09
N GLN B 42 -34.69 2.41 51.29
CA GLN B 42 -33.87 3.46 50.71
C GLN B 42 -34.72 4.31 49.78
N GLU B 43 -34.83 5.60 50.10
CA GLU B 43 -35.71 6.48 49.35
C GLU B 43 -35.22 6.65 47.92
N GLY B 44 -36.11 6.41 46.95
CA GLY B 44 -35.75 6.60 45.57
C GLY B 44 -34.95 5.45 45.00
N SER B 45 -34.22 4.75 45.86
CA SER B 45 -33.63 3.46 45.53
C SER B 45 -34.44 2.31 46.07
N GLY B 46 -35.71 2.15 45.71
CA GLY B 46 -36.55 1.36 46.57
C GLY B 46 -37.76 0.69 46.02
N VAL B 47 -38.51 0.16 46.99
CA VAL B 47 -39.81 -0.45 46.76
C VAL B 47 -40.67 0.44 45.87
N GLY B 48 -40.84 1.72 46.24
CA GLY B 48 -41.74 2.65 45.58
C GLY B 48 -43.06 2.01 45.17
N THR B 49 -43.23 1.90 43.84
CA THR B 49 -44.43 1.32 43.24
C THR B 49 -44.27 -0.16 42.94
N ASP B 50 -43.17 -0.79 43.34
CA ASP B 50 -42.89 -2.15 42.89
C ASP B 50 -43.05 -3.23 43.95
N LEU B 51 -43.61 -2.87 45.11
CA LEU B 51 -43.94 -3.81 46.16
C LEU B 51 -45.15 -3.31 46.95
N ALA B 52 -45.96 -4.27 47.39
CA ALA B 52 -47.06 -4.04 48.30
C ALA B 52 -46.77 -4.79 49.58
N ILE B 53 -46.82 -4.09 50.71
CA ILE B 53 -46.52 -4.63 52.04
C ILE B 53 -47.68 -4.29 52.96
N ASP B 54 -48.23 -5.31 53.62
CA ASP B 54 -49.28 -5.13 54.62
C ASP B 54 -48.62 -4.89 55.97
N GLU B 55 -48.92 -3.74 56.57
CA GLU B 55 -48.22 -3.34 57.79
C GLU B 55 -48.72 -4.10 59.01
N HIS B 56 -50.02 -4.42 59.06
CA HIS B 56 -50.60 -5.04 60.24
C HIS B 56 -50.41 -6.55 60.28
N SER B 57 -50.04 -7.18 59.18
CA SER B 57 -49.83 -8.63 59.14
C SER B 57 -48.41 -9.03 58.75
N GLY B 58 -47.74 -8.28 57.88
CA GLY B 58 -46.40 -8.60 57.47
C GLY B 58 -46.28 -9.34 56.15
N VAL B 59 -47.38 -9.56 55.44
CA VAL B 59 -47.32 -10.24 54.16
C VAL B 59 -46.88 -9.27 53.09
N VAL B 60 -46.13 -9.77 52.11
CA VAL B 60 -45.60 -8.97 51.02
C VAL B 60 -46.11 -9.54 49.71
N ARG B 61 -46.59 -8.65 48.84
CA ARG B 61 -47.04 -9.05 47.51
C ARG B 61 -46.56 -8.02 46.49
N THR B 62 -46.52 -8.45 45.24
CA THR B 62 -45.93 -7.65 44.18
C THR B 62 -46.88 -6.54 43.74
N ALA B 63 -46.41 -5.29 43.80
CA ALA B 63 -47.30 -4.17 43.49
C ALA B 63 -47.68 -4.14 42.01
N ARG B 64 -46.77 -4.55 41.12
CA ARG B 64 -47.06 -4.55 39.69
C ARG B 64 -46.39 -5.76 39.07
N VAL B 65 -46.42 -5.83 37.74
CA VAL B 65 -45.60 -6.82 37.06
C VAL B 65 -44.14 -6.49 37.34
N LEU B 66 -43.35 -7.51 37.62
CA LEU B 66 -41.99 -7.32 38.10
C LEU B 66 -41.00 -7.63 36.99
N ASP B 67 -40.13 -6.67 36.72
CA ASP B 67 -39.07 -6.81 35.74
C ASP B 67 -37.75 -6.59 36.46
N ARG B 68 -36.90 -7.60 36.43
CA ARG B 68 -35.57 -7.44 37.01
C ARG B 68 -34.56 -6.86 36.04
N GLU B 69 -34.98 -6.64 34.79
CA GLU B 69 -34.12 -5.96 33.84
C GLU B 69 -33.80 -4.55 34.33
N GLN B 70 -34.77 -3.87 34.93
CA GLN B 70 -34.50 -2.56 35.52
C GLN B 70 -33.93 -2.68 36.92
N ARG B 71 -34.58 -3.49 37.78
CA ARG B 71 -34.20 -3.66 39.17
C ARG B 71 -34.14 -5.15 39.49
N ASP B 72 -32.98 -5.61 39.94
CA ASP B 72 -32.82 -7.03 40.20
C ASP B 72 -33.21 -7.43 41.62
N ARG B 73 -32.68 -6.75 42.63
CA ARG B 73 -32.94 -7.10 44.02
C ARG B 73 -33.46 -5.89 44.77
N TYR B 74 -34.35 -6.13 45.73
CA TYR B 74 -34.82 -5.09 46.62
C TYR B 74 -34.33 -5.36 48.04
N ARG B 75 -34.15 -4.30 48.81
CA ARG B 75 -33.76 -4.42 50.21
C ARG B 75 -34.47 -3.37 51.02
N PHE B 76 -34.99 -3.78 52.17
CA PHE B 76 -35.69 -2.87 53.07
C PHE B 76 -35.71 -3.50 54.46
N THR B 77 -35.80 -2.64 55.47
CA THR B 77 -35.78 -3.08 56.86
C THR B 77 -37.15 -2.85 57.48
N ALA B 78 -37.70 -3.90 58.07
CA ALA B 78 -38.97 -3.81 58.79
C ALA B 78 -38.68 -3.71 60.29
N VAL B 79 -39.33 -2.76 60.95
CA VAL B 79 -39.10 -2.48 62.36
C VAL B 79 -40.40 -2.66 63.12
N THR B 80 -40.33 -3.34 64.26
CA THR B 80 -41.46 -3.53 65.16
C THR B 80 -41.52 -2.40 66.17
N PRO B 81 -42.70 -2.13 66.74
CA PRO B 81 -42.78 -1.11 67.79
C PRO B 81 -41.97 -1.45 69.02
N ASP B 82 -41.64 -2.72 69.23
CA ASP B 82 -40.83 -3.12 70.38
C ASP B 82 -39.37 -2.74 70.22
N GLY B 83 -38.91 -2.56 68.99
CA GLY B 83 -37.52 -2.20 68.70
C GLY B 83 -36.78 -3.21 67.86
N ALA B 84 -37.30 -4.42 67.71
CA ALA B 84 -36.64 -5.44 66.92
C ALA B 84 -36.67 -5.07 65.44
N THR B 85 -35.63 -5.47 64.72
CA THR B 85 -35.48 -5.16 63.31
C THR B 85 -35.30 -6.44 62.50
N VAL B 86 -35.87 -6.45 61.30
CA VAL B 86 -35.76 -7.58 60.38
C VAL B 86 -35.27 -7.02 59.04
N GLU B 87 -34.01 -7.30 58.71
CA GLU B 87 -33.44 -6.85 57.44
C GLU B 87 -33.92 -7.78 56.33
N VAL B 88 -34.79 -7.28 55.46
CA VAL B 88 -35.41 -8.07 54.42
C VAL B 88 -34.72 -7.80 53.10
N THR B 89 -34.65 -8.84 52.25
CA THR B 89 -34.06 -8.74 50.93
C THR B 89 -34.86 -9.61 49.98
N VAL B 90 -35.34 -9.02 48.89
CA VAL B 90 -36.13 -9.71 47.89
C VAL B 90 -35.38 -9.70 46.57
N ARG B 91 -35.20 -10.87 45.99
CA ARG B 91 -34.53 -11.02 44.71
C ARG B 91 -35.55 -11.41 43.64
N VAL B 92 -35.36 -10.87 42.44
CA VAL B 92 -36.19 -11.24 41.29
C VAL B 92 -35.38 -12.25 40.47
N ALA B 93 -35.89 -13.47 40.37
CA ALA B 93 -35.21 -14.50 39.60
C ALA B 93 -35.41 -14.26 38.11
N ASP B 94 -34.47 -14.75 37.32
CA ASP B 94 -34.54 -14.55 35.88
C ASP B 94 -35.17 -15.75 35.20
N ILE B 95 -35.91 -15.47 34.12
CA ILE B 95 -36.49 -16.46 33.24
C ILE B 95 -36.22 -15.97 31.83
N ASN B 96 -36.02 -16.91 30.90
CA ASN B 96 -35.73 -16.49 29.53
C ASN B 96 -36.97 -15.82 28.96
N ASP B 97 -36.95 -14.49 28.95
CA ASP B 97 -38.02 -13.67 28.40
C ASP B 97 -37.65 -13.01 27.09
N HIS B 98 -36.39 -12.63 26.93
CA HIS B 98 -35.89 -11.98 25.72
C HIS B 98 -34.93 -12.96 25.05
N ALA B 99 -35.31 -13.44 23.87
CA ALA B 99 -34.47 -14.31 23.09
C ALA B 99 -33.34 -13.51 22.45
N PRO B 100 -32.22 -14.16 22.12
CA PRO B 100 -31.11 -13.44 21.49
C PRO B 100 -31.48 -12.96 20.10
N ALA B 101 -30.80 -11.92 19.66
CA ALA B 101 -31.10 -11.33 18.36
C ALA B 101 -29.89 -10.57 17.85
N PHE B 102 -29.67 -10.65 16.53
CA PHE B 102 -28.62 -9.98 15.78
C PHE B 102 -29.12 -8.66 15.20
N PRO B 103 -28.26 -7.64 15.17
CA PRO B 103 -28.69 -6.37 14.55
C PRO B 103 -28.76 -6.42 13.05
N GLN B 104 -28.14 -7.41 12.41
CA GLN B 104 -28.19 -7.57 10.96
C GLN B 104 -28.56 -9.01 10.63
N ALA B 105 -29.62 -9.19 9.86
CA ALA B 105 -30.04 -10.53 9.47
C ALA B 105 -29.14 -11.10 8.38
N ARG B 106 -28.68 -10.25 7.45
CA ARG B 106 -27.74 -10.65 6.41
C ARG B 106 -26.62 -9.59 6.38
N ALA B 107 -25.61 -9.80 7.21
CA ALA B 107 -24.47 -8.88 7.26
C ALA B 107 -23.48 -9.19 6.14
N ALA B 108 -22.65 -8.21 5.83
CA ALA B 108 -21.64 -8.34 4.78
C ALA B 108 -20.28 -7.97 5.34
N LEU B 109 -19.27 -8.75 4.98
CA LEU B 109 -17.90 -8.52 5.43
C LEU B 109 -16.99 -8.45 4.22
N GLN B 110 -15.97 -7.60 4.32
CA GLN B 110 -14.98 -7.40 3.27
C GLN B 110 -13.60 -7.67 3.85
N VAL B 111 -12.91 -8.66 3.31
CA VAL B 111 -11.59 -9.05 3.78
C VAL B 111 -10.63 -9.11 2.59
N PRO B 112 -9.45 -8.50 2.67
CA PRO B 112 -8.50 -8.59 1.55
C PRO B 112 -8.01 -10.02 1.37
N GLU B 113 -7.82 -10.40 0.10
CA GLU B 113 -7.30 -11.73 -0.19
C GLU B 113 -5.83 -11.83 0.24
N HIS B 114 -5.35 -13.08 0.30
CA HIS B 114 -3.98 -13.37 0.71
C HIS B 114 -3.69 -12.86 2.13
N THR B 115 -4.71 -12.80 2.98
CA THR B 115 -4.52 -12.25 4.31
C THR B 115 -3.85 -13.26 5.22
N ALA B 116 -3.14 -12.76 6.22
CA ALA B 116 -2.38 -13.61 7.11
C ALA B 116 -3.29 -14.54 7.90
N PHE B 117 -2.85 -15.78 8.07
CA PHE B 117 -3.56 -16.73 8.90
C PHE B 117 -3.72 -16.17 10.32
N GLY B 118 -4.92 -16.35 10.87
CA GLY B 118 -5.13 -16.02 12.26
C GLY B 118 -5.49 -14.60 12.57
N THR B 119 -5.47 -13.71 11.58
CA THR B 119 -5.99 -12.37 11.82
C THR B 119 -7.49 -12.45 12.04
N ARG B 120 -7.99 -11.70 13.01
CA ARG B 120 -9.35 -11.85 13.49
C ARG B 120 -10.21 -10.68 13.04
N TYR B 121 -11.46 -10.97 12.72
CA TYR B 121 -12.42 -9.94 12.32
C TYR B 121 -13.62 -10.00 13.26
N PRO B 122 -13.82 -9.00 14.12
CA PRO B 122 -14.97 -9.02 15.01
C PRO B 122 -16.27 -8.77 14.26
N LEU B 123 -17.36 -9.21 14.87
CA LEU B 123 -18.70 -9.04 14.30
C LEU B 123 -19.63 -8.49 15.37
N GLU B 124 -20.85 -8.17 14.96
CA GLU B 124 -21.85 -7.69 15.89
C GLU B 124 -22.49 -8.85 16.63
N PRO B 125 -22.36 -8.94 17.95
CA PRO B 125 -22.90 -10.08 18.68
C PRO B 125 -24.41 -9.97 18.91
N ALA B 126 -25.02 -11.11 19.22
CA ALA B 126 -26.42 -11.17 19.60
C ALA B 126 -26.53 -10.73 21.05
N ARG B 127 -27.00 -9.51 21.27
CA ARG B 127 -27.08 -8.97 22.61
C ARG B 127 -27.96 -9.82 23.50
N ASP B 128 -27.50 -10.06 24.72
CA ASP B 128 -28.29 -10.73 25.73
C ASP B 128 -29.05 -9.68 26.53
N ALA B 129 -30.37 -9.80 26.60
CA ALA B 129 -31.12 -8.96 27.52
C ALA B 129 -31.24 -9.63 28.89
N ASP B 130 -31.66 -10.89 28.93
CA ASP B 130 -31.69 -11.62 30.20
C ASP B 130 -30.26 -11.99 30.57
N ALA B 131 -29.69 -11.28 31.55
CA ALA B 131 -28.31 -11.49 31.91
C ALA B 131 -28.15 -12.80 32.68
N GLY B 132 -26.91 -13.13 33.00
CA GLY B 132 -26.63 -14.40 33.63
C GLY B 132 -26.51 -15.50 32.58
N ARG B 133 -26.64 -16.74 33.05
CA ARG B 133 -26.50 -17.88 32.16
C ARG B 133 -27.52 -17.89 31.02
N LEU B 134 -28.62 -17.16 31.16
CA LEU B 134 -29.71 -17.31 30.21
C LEU B 134 -29.47 -16.57 28.90
N GLY B 135 -28.74 -15.47 28.91
CA GLY B 135 -28.30 -14.83 27.68
C GLY B 135 -26.95 -15.35 27.25
N THR B 136 -26.18 -14.50 26.57
CA THR B 136 -24.73 -14.67 26.43
C THR B 136 -24.45 -15.97 25.68
N GLN B 137 -23.68 -16.91 26.26
CA GLN B 137 -23.40 -18.25 25.76
C GLN B 137 -22.45 -18.27 24.58
N GLY B 138 -22.78 -19.02 23.53
CA GLY B 138 -21.76 -19.25 22.52
C GLY B 138 -22.24 -19.35 21.09
N TYR B 139 -21.43 -18.85 20.17
CA TYR B 139 -21.77 -18.87 18.76
C TYR B 139 -21.28 -20.16 18.10
N ALA B 140 -22.00 -20.57 17.06
CA ALA B 140 -21.65 -21.71 16.25
C ALA B 140 -21.80 -21.31 14.79
N LEU B 141 -20.75 -21.51 14.00
CA LEU B 141 -20.74 -21.14 12.60
C LEU B 141 -21.26 -22.29 11.76
N SER B 142 -22.28 -22.01 10.94
CA SER B 142 -22.92 -23.03 10.12
C SER B 142 -22.70 -22.81 8.63
N GLY B 143 -21.87 -21.83 8.26
CA GLY B 143 -21.61 -21.58 6.85
C GLY B 143 -20.70 -22.64 6.24
N ASP B 144 -20.69 -22.67 4.91
CA ASP B 144 -19.88 -23.62 4.18
C ASP B 144 -18.48 -23.04 3.94
N GLY B 145 -17.49 -23.92 3.96
CA GLY B 145 -16.11 -23.49 3.98
C GLY B 145 -15.59 -23.16 5.37
N ALA B 146 -16.35 -23.50 6.41
CA ALA B 146 -15.97 -23.18 7.77
C ALA B 146 -15.03 -24.21 8.38
N GLY B 147 -14.94 -25.40 7.80
CA GLY B 147 -14.04 -26.41 8.33
C GLY B 147 -12.61 -26.23 7.92
N GLU B 148 -12.37 -25.58 6.77
CA GLU B 148 -11.03 -25.42 6.23
C GLU B 148 -10.52 -23.99 6.23
N THR B 149 -11.38 -23.00 5.94
CA THR B 149 -10.92 -21.64 5.70
C THR B 149 -11.34 -20.62 6.76
N PHE B 150 -12.49 -20.79 7.40
CA PHE B 150 -13.00 -19.78 8.31
C PHE B 150 -13.51 -20.43 9.59
N ARG B 151 -12.77 -20.22 10.68
CA ARG B 151 -13.17 -20.71 11.99
C ARG B 151 -13.58 -19.55 12.88
N LEU B 152 -14.29 -19.87 13.96
CA LEU B 152 -14.84 -18.88 14.88
C LEU B 152 -14.24 -19.10 16.26
N GLU B 153 -13.65 -18.07 16.82
CA GLU B 153 -13.09 -18.10 18.17
C GLU B 153 -13.73 -16.99 18.99
N THR B 154 -14.41 -17.37 20.07
CA THR B 154 -15.17 -16.43 20.88
C THR B 154 -14.25 -15.63 21.79
N ARG B 155 -14.62 -14.36 22.01
CA ARG B 155 -13.90 -13.46 22.91
C ARG B 155 -14.93 -12.67 23.70
N PRO B 156 -14.82 -12.60 25.03
CA PRO B 156 -15.74 -11.78 25.82
C PRO B 156 -15.42 -10.31 25.67
N GLY B 157 -16.43 -9.52 25.28
CA GLY B 157 -16.27 -8.10 25.08
C GLY B 157 -16.65 -7.30 26.30
N PRO B 158 -17.12 -6.08 26.09
CA PRO B 158 -17.56 -5.25 27.22
C PRO B 158 -18.72 -5.90 27.96
N ASP B 159 -18.80 -5.60 29.27
CA ASP B 159 -19.78 -6.11 30.22
C ASP B 159 -19.92 -7.63 30.22
N GLY B 160 -19.06 -8.34 29.50
CA GLY B 160 -19.00 -9.79 29.57
C GLY B 160 -19.76 -10.54 28.50
N THR B 161 -20.51 -9.85 27.65
CA THR B 161 -21.21 -10.53 26.56
C THR B 161 -20.19 -11.04 25.53
N PRO B 162 -20.41 -12.22 24.95
CA PRO B 162 -19.39 -12.79 24.07
C PRO B 162 -19.47 -12.17 22.68
N VAL B 163 -18.32 -11.79 22.15
CA VAL B 163 -18.22 -11.17 20.84
C VAL B 163 -17.61 -12.18 19.88
N PRO B 164 -18.26 -12.51 18.77
CA PRO B 164 -17.68 -13.47 17.83
C PRO B 164 -16.58 -12.84 17.00
N GLU B 165 -15.49 -13.59 16.82
CA GLU B 165 -14.34 -13.14 16.04
C GLU B 165 -14.05 -14.20 14.97
N LEU B 166 -14.34 -13.87 13.72
CA LEU B 166 -14.08 -14.76 12.60
C LEU B 166 -12.58 -14.74 12.30
N VAL B 167 -11.90 -15.84 12.59
CA VAL B 167 -10.46 -15.94 12.36
C VAL B 167 -10.22 -16.42 10.94
N VAL B 168 -9.02 -16.16 10.43
CA VAL B 168 -8.64 -16.49 9.06
C VAL B 168 -7.85 -17.79 9.06
N THR B 169 -8.20 -18.69 8.14
CA THR B 169 -7.55 -19.99 8.02
C THR B 169 -7.50 -20.36 6.54
N GLY B 170 -6.53 -21.21 6.19
CA GLY B 170 -6.48 -21.76 4.85
C GLY B 170 -6.27 -20.74 3.74
N GLU B 171 -6.71 -21.13 2.55
CA GLU B 171 -6.47 -20.34 1.35
C GLU B 171 -7.51 -19.23 1.20
N LEU B 172 -7.07 -18.12 0.61
CA LEU B 172 -7.97 -17.00 0.31
C LEU B 172 -7.43 -16.30 -0.94
N ASP B 173 -8.10 -16.48 -2.07
CA ASP B 173 -7.69 -15.88 -3.32
C ASP B 173 -8.93 -15.70 -4.18
N ARG B 174 -9.26 -14.45 -4.53
CA ARG B 174 -10.46 -14.19 -5.31
C ARG B 174 -10.32 -14.63 -6.76
N GLU B 175 -9.09 -14.88 -7.24
CA GLU B 175 -8.91 -15.41 -8.58
C GLU B 175 -9.50 -16.80 -8.73
N ASN B 176 -9.72 -17.52 -7.63
CA ASN B 176 -10.35 -18.84 -7.66
C ASN B 176 -11.72 -18.78 -6.99
N ARG B 177 -11.76 -18.60 -5.67
CA ARG B 177 -13.01 -18.48 -4.93
C ARG B 177 -13.28 -17.01 -4.67
N SER B 178 -14.38 -16.50 -5.23
CA SER B 178 -14.67 -15.07 -5.16
C SER B 178 -15.21 -14.67 -3.78
N HIS B 179 -16.33 -15.26 -3.38
CA HIS B 179 -16.96 -14.90 -2.12
C HIS B 179 -17.55 -16.14 -1.45
N TYR B 180 -17.81 -16.02 -0.16
CA TYR B 180 -18.42 -17.08 0.63
C TYR B 180 -19.74 -16.59 1.21
N MET B 181 -20.68 -17.52 1.36
CA MET B 181 -21.98 -17.23 1.96
C MET B 181 -22.08 -18.04 3.25
N LEU B 182 -21.64 -17.43 4.35
CA LEU B 182 -21.64 -18.09 5.65
C LEU B 182 -22.94 -17.80 6.40
N GLN B 183 -23.21 -18.64 7.39
CA GLN B 183 -24.37 -18.48 8.25
C GLN B 183 -23.93 -18.63 9.71
N LEU B 184 -24.48 -17.78 10.57
CA LEU B 184 -24.13 -17.73 11.98
C LEU B 184 -25.34 -18.07 12.82
N GLU B 185 -25.12 -18.80 13.92
CA GLU B 185 -26.19 -19.17 14.84
C GLU B 185 -25.74 -18.86 16.27
N ALA B 186 -26.69 -18.39 17.08
CA ALA B 186 -26.44 -18.01 18.46
C ALA B 186 -27.47 -18.68 19.36
N TYR B 187 -27.02 -19.32 20.42
CA TYR B 187 -27.89 -19.95 21.40
C TYR B 187 -27.68 -19.31 22.76
N ASP B 188 -28.40 -19.83 23.76
CA ASP B 188 -28.33 -19.29 25.11
C ASP B 188 -28.67 -20.40 26.09
N GLY B 189 -28.54 -20.08 27.38
CA GLY B 189 -28.79 -21.05 28.43
C GLY B 189 -30.26 -21.37 28.59
N GLY B 190 -30.56 -22.09 29.66
CA GLY B 190 -31.92 -22.51 29.93
C GLY B 190 -32.27 -23.80 29.24
N SER B 191 -33.08 -24.64 29.89
CA SER B 191 -33.44 -25.93 29.31
C SER B 191 -34.11 -25.80 27.94
N PRO B 192 -34.96 -24.82 27.68
CA PRO B 192 -35.34 -24.52 26.29
C PRO B 192 -34.45 -23.43 25.72
N PRO B 193 -33.46 -23.79 24.91
CA PRO B 193 -32.50 -22.79 24.43
C PRO B 193 -33.09 -21.95 23.30
N ARG B 194 -33.18 -20.64 23.51
CA ARG B 194 -33.60 -19.73 22.47
C ARG B 194 -32.46 -19.49 21.49
N ARG B 195 -32.79 -19.35 20.22
CA ARG B 195 -31.79 -19.29 19.16
C ARG B 195 -32.05 -18.11 18.24
N ALA B 196 -30.98 -17.65 17.59
CA ALA B 196 -31.05 -16.58 16.60
C ALA B 196 -30.03 -16.87 15.52
N GLN B 197 -30.40 -16.59 14.26
CA GLN B 197 -29.55 -16.90 13.12
C GLN B 197 -29.42 -15.69 12.22
N ALA B 198 -28.34 -15.67 11.44
CA ALA B 198 -28.07 -14.60 10.50
C ALA B 198 -27.04 -15.08 9.48
N LEU B 199 -27.15 -14.57 8.26
CA LEU B 199 -26.23 -14.91 7.19
C LEU B 199 -25.12 -13.85 7.08
N LEU B 200 -24.00 -14.27 6.48
CA LEU B 200 -22.84 -13.40 6.33
C LEU B 200 -22.27 -13.59 4.94
N ASP B 201 -22.28 -12.51 4.15
CA ASP B 201 -21.73 -12.53 2.80
C ASP B 201 -20.30 -12.02 2.87
N VAL B 202 -19.35 -12.94 2.97
CA VAL B 202 -17.93 -12.61 3.02
C VAL B 202 -17.40 -12.52 1.60
N THR B 203 -16.91 -11.34 1.22
CA THR B 203 -16.31 -11.11 -0.09
C THR B 203 -14.82 -10.83 0.05
N LEU B 204 -14.06 -11.29 -0.94
CA LEU B 204 -12.61 -11.16 -0.93
C LEU B 204 -12.20 -10.00 -1.83
N LEU B 205 -11.40 -9.08 -1.29
CA LEU B 205 -10.91 -7.95 -2.06
C LEU B 205 -9.83 -8.40 -3.03
N ASP B 206 -9.44 -7.48 -3.92
CA ASP B 206 -8.42 -7.73 -4.91
C ASP B 206 -7.16 -6.93 -4.60
N ILE B 207 -6.01 -7.51 -4.94
CA ILE B 207 -4.72 -6.86 -4.77
C ILE B 207 -3.88 -7.15 -6.01
N ASN B 208 -2.89 -6.28 -6.25
CA ASN B 208 -2.00 -6.42 -7.39
C ASN B 208 -1.18 -7.71 -7.29
N ASP B 209 -1.79 -8.83 -7.67
CA ASP B 209 -1.11 -10.13 -7.60
C ASP B 209 -0.28 -10.42 -8.83
N HIS B 210 -0.87 -10.28 -10.01
CA HIS B 210 -0.28 -10.75 -11.26
C HIS B 210 0.21 -9.59 -12.09
N ALA B 211 1.45 -9.69 -12.58
CA ALA B 211 1.97 -8.73 -13.54
C ALA B 211 1.52 -9.11 -14.95
N PRO B 212 1.38 -8.13 -15.85
CA PRO B 212 0.91 -8.44 -17.21
C PRO B 212 1.82 -9.40 -17.95
N ALA B 213 1.33 -10.61 -18.20
CA ALA B 213 2.07 -11.61 -18.96
C ALA B 213 1.66 -11.57 -20.42
N PHE B 214 2.63 -11.83 -21.29
CA PHE B 214 2.43 -11.67 -22.72
C PHE B 214 2.13 -12.99 -23.41
N ASN B 215 1.61 -12.89 -24.63
CA ASN B 215 1.21 -14.07 -25.41
C ASN B 215 2.40 -14.95 -25.73
N GLN B 216 3.48 -14.36 -26.23
CA GLN B 216 4.72 -15.07 -26.52
C GLN B 216 5.87 -14.23 -25.97
N SER B 217 7.00 -14.87 -25.69
CA SER B 217 8.14 -14.13 -25.14
C SER B 217 8.63 -13.08 -26.12
N ARG B 218 8.79 -13.46 -27.38
CA ARG B 218 9.32 -12.56 -28.40
C ARG B 218 8.51 -12.66 -29.69
N TYR B 219 8.33 -11.52 -30.35
CA TYR B 219 7.63 -11.45 -31.62
C TYR B 219 8.61 -11.27 -32.78
N HIS B 220 8.08 -11.42 -33.99
CA HIS B 220 8.90 -11.42 -35.20
C HIS B 220 8.16 -10.73 -36.33
N ALA B 221 8.93 -10.19 -37.28
CA ALA B 221 8.37 -9.55 -38.46
C ALA B 221 9.46 -9.45 -39.52
N VAL B 222 9.03 -9.30 -40.77
CA VAL B 222 9.95 -9.18 -41.90
C VAL B 222 9.43 -8.13 -42.87
N VAL B 223 9.22 -6.91 -42.37
CA VAL B 223 8.69 -5.84 -43.23
C VAL B 223 9.79 -5.35 -44.18
N SER B 224 9.37 -4.92 -45.36
CA SER B 224 10.29 -4.41 -46.36
C SER B 224 10.51 -2.91 -46.16
N GLU B 225 11.47 -2.37 -46.91
CA GLU B 225 11.76 -0.95 -46.87
C GLU B 225 10.64 -0.16 -47.56
N SER B 226 10.49 1.09 -47.15
CA SER B 226 9.50 2.02 -47.72
C SER B 226 8.08 1.50 -47.54
N LEU B 227 7.83 0.88 -46.38
CA LEU B 227 6.48 0.45 -46.06
C LEU B 227 5.60 1.67 -45.74
N ALA B 228 4.31 1.51 -45.99
CA ALA B 228 3.37 2.60 -45.75
C ALA B 228 3.39 2.98 -44.27
N PRO B 229 3.58 4.26 -43.93
CA PRO B 229 3.58 4.64 -42.51
C PRO B 229 2.30 4.29 -41.78
N GLY B 230 1.15 4.51 -42.40
CA GLY B 230 -0.11 4.18 -41.76
C GLY B 230 -0.41 2.70 -41.66
N SER B 231 0.43 1.85 -42.25
CA SER B 231 0.20 0.42 -42.24
C SER B 231 0.62 -0.19 -40.90
N PRO B 232 0.01 -1.31 -40.51
CA PRO B 232 0.42 -1.98 -39.28
C PRO B 232 1.58 -2.93 -39.49
N VAL B 233 2.29 -3.21 -38.39
CA VAL B 233 3.39 -4.16 -38.38
C VAL B 233 2.97 -5.47 -37.74
N LEU B 234 2.57 -5.43 -36.47
CA LEU B 234 2.11 -6.62 -35.74
C LEU B 234 1.47 -6.15 -34.45
N GLN B 235 0.63 -7.03 -33.88
CA GLN B 235 -0.09 -6.71 -32.64
C GLN B 235 0.40 -7.64 -31.53
N VAL B 236 0.66 -7.06 -30.36
CA VAL B 236 1.09 -7.81 -29.21
C VAL B 236 -0.11 -8.04 -28.29
N PHE B 237 -0.02 -9.06 -27.45
CA PHE B 237 -1.10 -9.43 -26.55
C PHE B 237 -0.56 -9.62 -25.14
N ALA B 238 -1.29 -9.11 -24.16
CA ALA B 238 -0.91 -9.25 -22.75
C ALA B 238 -2.17 -9.40 -21.91
N SER B 239 -2.07 -10.17 -20.84
CA SER B 239 -3.20 -10.48 -19.99
C SER B 239 -2.86 -10.23 -18.53
N ASP B 240 -3.90 -9.94 -17.74
CA ASP B 240 -3.75 -9.73 -16.30
C ASP B 240 -5.04 -10.20 -15.64
N ALA B 241 -4.94 -11.20 -14.76
CA ALA B 241 -6.11 -11.85 -14.20
C ALA B 241 -6.74 -11.08 -13.03
N ASP B 242 -6.18 -9.95 -12.64
CA ASP B 242 -6.77 -9.19 -11.55
C ASP B 242 -8.00 -8.42 -12.04
N ALA B 243 -8.70 -7.79 -11.10
CA ALA B 243 -9.95 -7.10 -11.36
C ALA B 243 -9.80 -5.60 -11.15
N GLY B 244 -10.74 -4.85 -11.72
CA GLY B 244 -10.71 -3.41 -11.58
C GLY B 244 -9.61 -2.80 -12.43
N VAL B 245 -8.99 -1.74 -11.89
CA VAL B 245 -7.85 -1.14 -12.57
C VAL B 245 -6.66 -2.09 -12.59
N ASN B 246 -6.63 -3.07 -11.68
CA ASN B 246 -5.55 -4.04 -11.64
C ASN B 246 -5.64 -5.06 -12.77
N GLY B 247 -6.70 -5.02 -13.57
CA GLY B 247 -6.82 -5.91 -14.71
C GLY B 247 -6.66 -5.17 -16.02
N ALA B 248 -6.51 -3.86 -15.95
CA ALA B 248 -6.34 -3.04 -17.14
C ALA B 248 -4.88 -3.06 -17.59
N VAL B 249 -4.66 -3.53 -18.81
CA VAL B 249 -3.31 -3.64 -19.38
C VAL B 249 -3.13 -2.51 -20.37
N THR B 250 -2.18 -1.62 -20.10
CA THR B 250 -1.85 -0.51 -20.97
C THR B 250 -0.51 -0.83 -21.64
N TYR B 251 -0.55 -1.12 -22.93
CA TYR B 251 0.65 -1.48 -23.68
C TYR B 251 1.47 -0.24 -23.99
N GLU B 252 2.77 -0.30 -23.70
CA GLU B 252 3.70 0.77 -24.05
C GLU B 252 4.95 0.14 -24.64
N ILE B 253 5.91 0.99 -25.01
CA ILE B 253 7.16 0.55 -25.61
C ILE B 253 8.32 1.19 -24.86
N ASN B 254 9.26 0.37 -24.42
CA ASN B 254 10.45 0.90 -23.75
C ASN B 254 11.29 1.69 -24.74
N ARG B 255 11.72 2.88 -24.33
CA ARG B 255 12.50 3.75 -25.19
C ARG B 255 14.00 3.66 -24.95
N ARG B 256 14.42 3.26 -23.75
CA ARG B 256 15.85 3.17 -23.45
C ARG B 256 16.49 1.96 -24.10
N GLN B 257 16.24 0.77 -23.56
CA GLN B 257 16.93 -0.43 -24.00
C GLN B 257 16.57 -0.84 -25.42
N SER B 258 15.50 -0.31 -26.00
CA SER B 258 15.16 -0.60 -27.38
C SER B 258 16.06 0.19 -28.31
N GLU B 259 16.64 -0.50 -29.30
CA GLU B 259 17.52 0.11 -30.29
C GLU B 259 16.83 0.04 -31.64
N GLY B 260 16.42 1.20 -32.16
CA GLY B 260 15.67 1.26 -33.38
C GLY B 260 14.19 1.50 -33.21
N ASP B 261 13.76 2.03 -32.07
CA ASP B 261 12.35 2.27 -31.78
C ASP B 261 11.86 3.63 -32.27
N GLY B 262 12.70 4.39 -32.96
CA GLY B 262 12.34 5.69 -33.47
C GLY B 262 11.11 5.67 -34.37
N PRO B 263 11.20 4.98 -35.51
CA PRO B 263 10.10 4.98 -36.46
C PRO B 263 8.83 4.28 -35.99
N PHE B 264 8.78 3.78 -34.75
CA PHE B 264 7.68 2.93 -34.31
C PHE B 264 6.89 3.58 -33.19
N SER B 265 5.65 3.11 -33.05
CA SER B 265 4.76 3.50 -31.96
C SER B 265 3.71 2.42 -31.81
N ILE B 266 3.21 2.24 -30.59
CA ILE B 266 2.26 1.18 -30.27
C ILE B 266 0.98 1.81 -29.74
N ASP B 267 -0.15 1.25 -30.17
CA ASP B 267 -1.44 1.68 -29.64
C ASP B 267 -1.54 1.33 -28.16
N ALA B 268 -2.19 2.21 -27.39
CA ALA B 268 -2.13 2.11 -25.94
C ALA B 268 -2.93 0.93 -25.43
N HIS B 269 -4.14 0.72 -25.96
CA HIS B 269 -5.07 -0.26 -25.38
C HIS B 269 -5.41 -1.40 -26.33
N THR B 270 -4.61 -1.60 -27.39
CA THR B 270 -4.78 -2.75 -28.27
C THR B 270 -3.47 -3.45 -28.61
N GLY B 271 -2.31 -2.88 -28.27
CA GLY B 271 -1.05 -3.51 -28.55
C GLY B 271 -0.64 -3.53 -30.00
N LEU B 272 -1.32 -2.77 -30.87
CA LEU B 272 -1.02 -2.76 -32.29
C LEU B 272 0.19 -1.87 -32.54
N LEU B 273 1.29 -2.49 -33.00
CA LEU B 273 2.51 -1.75 -33.30
C LEU B 273 2.42 -1.18 -34.71
N GLN B 274 2.55 0.14 -34.82
CA GLN B 274 2.42 0.85 -36.09
C GLN B 274 3.55 1.85 -36.24
N LEU B 275 4.09 1.96 -37.44
CA LEU B 275 5.19 2.88 -37.67
C LEU B 275 4.65 4.29 -37.94
N GLU B 276 5.53 5.28 -37.78
CA GLU B 276 5.19 6.67 -38.04
C GLU B 276 5.99 7.29 -39.18
N ARG B 277 7.21 6.82 -39.41
CA ARG B 277 8.02 7.26 -40.53
C ARG B 277 8.58 6.04 -41.25
N PRO B 278 8.80 6.13 -42.56
CA PRO B 278 9.36 4.98 -43.28
C PRO B 278 10.81 4.74 -42.92
N LEU B 279 11.19 3.46 -42.95
CA LEU B 279 12.53 3.02 -42.60
C LEU B 279 13.34 2.74 -43.86
N ASP B 280 14.65 2.65 -43.69
CA ASP B 280 15.59 2.40 -44.78
C ASP B 280 16.55 1.30 -44.39
N PHE B 281 16.64 0.25 -45.22
CA PHE B 281 17.66 -0.77 -44.99
C PHE B 281 19.05 -0.23 -45.27
N GLU B 282 19.18 0.71 -46.21
CA GLU B 282 20.45 1.35 -46.52
C GLU B 282 20.85 2.37 -45.46
N GLN B 283 20.18 2.30 -44.31
CA GLN B 283 20.44 3.16 -43.17
C GLN B 283 20.40 2.34 -41.88
N ARG B 284 19.30 1.61 -41.67
CA ARG B 284 19.12 0.76 -40.51
C ARG B 284 18.79 -0.65 -40.98
N ARG B 285 19.60 -1.62 -40.57
CA ARG B 285 19.42 -2.99 -41.06
C ARG B 285 18.27 -3.69 -40.36
N VAL B 286 18.26 -3.68 -39.03
CA VAL B 286 17.26 -4.39 -38.24
C VAL B 286 16.89 -3.55 -37.03
N HIS B 287 15.67 -3.78 -36.52
CA HIS B 287 15.16 -3.08 -35.36
C HIS B 287 14.94 -4.07 -34.23
N GLU B 288 15.51 -3.80 -33.06
CA GLU B 288 15.36 -4.63 -31.88
C GLU B 288 14.65 -3.82 -30.80
N LEU B 289 13.51 -4.32 -30.34
CA LEU B 289 12.65 -3.57 -29.44
C LEU B 289 12.36 -4.38 -28.18
N VAL B 290 11.90 -3.67 -27.15
CA VAL B 290 11.40 -4.26 -25.91
C VAL B 290 10.10 -3.53 -25.57
N VAL B 291 9.00 -4.27 -25.53
CA VAL B 291 7.70 -3.70 -25.18
C VAL B 291 7.39 -4.04 -23.74
N GLN B 292 6.46 -3.29 -23.16
CA GLN B 292 6.09 -3.45 -21.76
C GLN B 292 4.58 -3.33 -21.62
N ALA B 293 4.09 -3.56 -20.40
CA ALA B 293 2.68 -3.41 -20.08
C ALA B 293 2.57 -3.14 -18.57
N ARG B 294 1.71 -2.20 -18.21
CA ARG B 294 1.60 -1.74 -16.84
C ARG B 294 0.33 -2.27 -16.19
N ASP B 295 0.47 -2.83 -14.99
CA ASP B 295 -0.65 -3.28 -14.17
C ASP B 295 -1.29 -2.05 -13.53
N GLY B 296 -2.19 -1.41 -14.28
CA GLY B 296 -2.80 -0.15 -13.88
C GLY B 296 -3.25 -0.05 -12.44
N GLY B 297 -3.12 1.14 -11.85
CA GLY B 297 -3.50 1.36 -10.48
C GLY B 297 -2.36 1.86 -9.62
N ALA B 298 -2.51 1.76 -8.30
CA ALA B 298 -1.47 2.21 -7.38
C ALA B 298 -0.31 1.22 -7.39
N HIS B 299 0.90 1.73 -7.66
CA HIS B 299 2.12 0.95 -7.71
C HIS B 299 1.97 -0.17 -8.73
N PRO B 300 2.13 0.12 -10.02
CA PRO B 300 1.82 -0.87 -11.06
C PRO B 300 2.91 -1.92 -11.22
N GLU B 301 2.48 -3.17 -11.37
CA GLU B 301 3.40 -4.22 -11.78
C GLU B 301 3.76 -4.06 -13.25
N LEU B 302 4.90 -4.62 -13.63
CA LEU B 302 5.45 -4.43 -14.97
C LEU B 302 5.73 -5.77 -15.62
N GLY B 303 5.19 -5.97 -16.82
CA GLY B 303 5.56 -7.07 -17.67
C GLY B 303 6.37 -6.55 -18.86
N SER B 304 6.96 -7.49 -19.60
CA SER B 304 7.82 -7.11 -20.71
C SER B 304 7.85 -8.22 -21.74
N ALA B 305 8.13 -7.83 -22.99
CA ALA B 305 8.31 -8.77 -24.08
C ALA B 305 9.21 -8.12 -25.13
N PHE B 306 9.70 -8.94 -26.05
CA PHE B 306 10.66 -8.51 -27.06
C PHE B 306 10.03 -8.50 -28.44
N VAL B 307 10.54 -7.62 -29.29
CA VAL B 307 10.10 -7.49 -30.67
C VAL B 307 11.32 -7.44 -31.57
N THR B 308 11.35 -8.29 -32.59
CA THR B 308 12.44 -8.33 -33.56
C THR B 308 11.86 -8.18 -34.95
N VAL B 309 12.23 -7.10 -35.64
CA VAL B 309 11.67 -6.77 -36.94
C VAL B 309 12.83 -6.75 -37.94
N HIS B 310 12.99 -7.84 -38.68
CA HIS B 310 13.97 -7.88 -39.75
C HIS B 310 13.51 -7.05 -40.94
N VAL B 311 14.47 -6.58 -41.72
CA VAL B 311 14.19 -5.77 -42.91
C VAL B 311 14.95 -6.36 -44.09
N ARG B 312 14.25 -6.55 -45.20
CA ARG B 312 14.86 -6.94 -46.46
C ARG B 312 14.77 -5.77 -47.44
N ASP B 313 15.80 -5.63 -48.27
CA ASP B 313 16.02 -4.42 -49.04
C ASP B 313 15.24 -4.42 -50.35
N ALA B 314 15.05 -3.21 -50.89
CA ALA B 314 14.52 -3.00 -52.23
C ALA B 314 15.41 -2.01 -52.95
N ASN B 315 15.42 -2.09 -54.28
CA ASN B 315 16.29 -1.22 -55.07
C ASN B 315 15.60 0.13 -55.25
N ASP B 316 15.83 1.03 -54.29
CA ASP B 316 15.25 2.36 -54.33
C ASP B 316 16.28 3.48 -54.31
N ASN B 317 17.55 3.18 -54.05
CA ASN B 317 18.58 4.21 -53.92
C ASN B 317 19.31 4.35 -55.24
N GLN B 318 19.34 5.58 -55.75
CA GLN B 318 19.95 5.86 -57.05
C GLN B 318 21.45 5.61 -57.01
N PRO B 319 22.07 5.26 -58.14
CA PRO B 319 23.51 5.01 -58.16
C PRO B 319 24.30 6.31 -58.09
N SER B 320 25.42 6.26 -57.38
CA SER B 320 26.31 7.40 -57.22
C SER B 320 27.60 7.19 -58.00
N MET B 321 28.31 8.28 -58.26
CA MET B 321 29.53 8.23 -59.03
C MET B 321 30.34 9.51 -58.78
N THR B 322 31.66 9.36 -58.86
CA THR B 322 32.58 10.47 -58.70
C THR B 322 33.54 10.51 -59.89
N VAL B 323 33.96 11.71 -60.26
CA VAL B 323 34.80 11.93 -61.44
C VAL B 323 35.99 12.79 -61.04
N ILE B 324 37.18 12.35 -61.45
CA ILE B 324 38.41 13.13 -61.31
C ILE B 324 39.15 13.11 -62.64
N PHE B 325 39.54 14.28 -63.12
CA PHE B 325 40.21 14.33 -64.45
C PHE B 325 41.70 14.16 -64.23
N LEU B 326 42.32 13.34 -65.06
CA LEU B 326 43.75 13.00 -64.87
C LEU B 326 44.68 13.89 -65.69
N SER B 327 44.24 15.05 -66.17
CA SER B 327 45.22 15.84 -66.97
C SER B 327 45.75 17.04 -66.19
N ALA B 328 47.01 17.00 -65.74
CA ALA B 328 47.63 18.18 -65.07
C ALA B 328 46.75 18.71 -63.95
N ASP B 329 46.49 20.01 -63.97
CA ASP B 329 45.64 20.56 -62.89
C ASP B 329 44.28 19.89 -63.01
N GLY B 330 43.75 19.45 -61.87
CA GLY B 330 42.47 18.75 -61.81
C GLY B 330 41.38 19.35 -62.66
N SER B 331 41.48 20.63 -63.00
CA SER B 331 40.46 21.27 -63.82
C SER B 331 40.42 20.62 -65.20
N PRO B 332 39.24 20.47 -65.81
CA PRO B 332 39.15 19.75 -67.08
C PRO B 332 39.83 20.52 -68.20
N GLN B 333 40.63 19.81 -69.00
CA GLN B 333 41.36 20.42 -70.10
C GLN B 333 41.87 19.29 -71.01
N VAL B 334 42.42 19.70 -72.15
CA VAL B 334 43.12 18.78 -73.05
C VAL B 334 44.04 19.63 -73.91
N SER B 335 45.09 19.01 -74.45
CA SER B 335 46.05 19.75 -75.24
C SER B 335 45.52 19.95 -76.65
N GLU B 336 46.22 20.81 -77.40
CA GLU B 336 45.92 21.02 -78.81
C GLU B 336 46.17 19.74 -79.59
N ALA B 337 45.10 18.97 -79.84
CA ALA B 337 45.20 17.67 -80.48
C ALA B 337 46.11 16.75 -79.69
N ALA B 338 45.60 16.18 -78.60
CA ALA B 338 46.37 15.29 -77.75
C ALA B 338 46.70 14.00 -78.47
N PRO B 339 47.76 13.30 -78.06
CA PRO B 339 48.11 12.01 -78.69
C PRO B 339 46.99 11.00 -78.53
N PRO B 340 46.93 9.99 -79.39
CA PRO B 340 45.84 9.01 -79.33
C PRO B 340 46.06 7.99 -78.22
N GLY B 341 45.03 7.20 -77.95
CA GLY B 341 45.26 6.19 -76.90
C GLY B 341 45.76 6.87 -75.65
N GLN B 342 45.09 7.96 -75.28
CA GLN B 342 45.38 8.77 -74.07
C GLN B 342 44.06 8.86 -73.27
N LEU B 343 44.17 9.04 -71.94
CA LEU B 343 43.04 9.08 -70.98
C LEU B 343 42.95 10.47 -70.34
N VAL B 344 41.74 11.00 -70.12
CA VAL B 344 41.63 12.36 -69.53
C VAL B 344 40.85 12.40 -68.21
N ALA B 345 40.24 11.29 -67.81
CA ALA B 345 39.50 11.30 -66.55
C ALA B 345 39.40 9.90 -65.97
N ARG B 346 38.84 9.84 -64.77
CA ARG B 346 38.60 8.60 -64.04
C ARG B 346 37.21 8.66 -63.41
N ILE B 347 36.48 7.55 -63.51
CA ILE B 347 35.12 7.45 -62.99
C ILE B 347 35.03 6.20 -62.12
N SER B 348 34.44 6.34 -60.94
CA SER B 348 34.21 5.22 -60.03
C SER B 348 32.74 5.22 -59.62
N VAL B 349 32.12 4.05 -59.68
CA VAL B 349 30.70 3.91 -59.38
C VAL B 349 30.51 3.36 -57.98
N SER B 350 29.49 3.86 -57.29
CA SER B 350 29.14 3.40 -55.95
C SER B 350 27.64 3.52 -55.80
N ASP B 351 27.06 2.69 -54.91
CA ASP B 351 25.63 2.78 -54.65
C ASP B 351 25.33 2.05 -53.35
N PRO B 352 24.26 2.45 -52.65
CA PRO B 352 23.72 1.60 -51.58
C PRO B 352 23.27 0.27 -52.16
N ASP B 353 23.85 -0.81 -51.63
CA ASP B 353 23.89 -2.08 -52.36
C ASP B 353 23.18 -3.20 -51.61
N ASP B 354 22.27 -3.88 -52.29
CA ASP B 354 21.84 -5.23 -51.91
C ASP B 354 21.51 -6.01 -53.17
N GLY B 355 22.03 -7.23 -53.24
CA GLY B 355 21.93 -8.02 -54.45
C GLY B 355 23.25 -8.02 -55.17
N ASP B 356 23.35 -7.26 -56.26
CA ASP B 356 24.62 -7.06 -56.94
C ASP B 356 25.38 -5.94 -56.25
N PHE B 357 26.47 -6.30 -55.57
CA PHE B 357 27.44 -5.31 -55.12
C PHE B 357 27.88 -4.46 -56.32
N ALA B 358 27.76 -3.14 -56.20
CA ALA B 358 28.19 -2.24 -57.27
C ALA B 358 27.68 -2.70 -58.63
N HIS B 359 28.62 -3.08 -59.50
CA HIS B 359 28.35 -3.62 -60.84
C HIS B 359 27.28 -2.81 -61.56
N VAL B 360 27.60 -1.55 -61.81
CA VAL B 360 26.74 -0.62 -62.53
C VAL B 360 27.40 -0.33 -63.87
N ASN B 361 26.58 -0.25 -64.92
CA ASN B 361 27.09 0.10 -66.25
C ASN B 361 26.85 1.58 -66.51
N VAL B 362 27.90 2.27 -66.92
CA VAL B 362 27.81 3.70 -67.18
C VAL B 362 27.52 3.93 -68.66
N SER B 363 26.90 5.07 -68.95
CA SER B 363 26.50 5.44 -70.31
C SER B 363 27.05 6.85 -70.57
N LEU B 364 28.34 6.92 -70.89
CA LEU B 364 28.95 8.18 -71.30
C LEU B 364 28.36 8.60 -72.63
N GLU B 365 27.76 9.80 -72.68
CA GLU B 365 27.27 10.33 -73.94
C GLU B 365 28.44 10.49 -74.93
N GLY B 366 28.08 10.64 -76.20
CA GLY B 366 29.01 10.51 -77.30
C GLY B 366 30.37 11.17 -77.22
N GLY B 367 30.39 12.50 -77.22
CA GLY B 367 31.64 13.20 -77.41
C GLY B 367 32.05 13.32 -78.86
N GLU B 368 31.11 13.12 -79.78
CA GLU B 368 31.30 13.28 -81.22
C GLU B 368 32.33 12.31 -81.80
N GLY B 369 32.61 11.21 -81.10
CA GLY B 369 33.48 10.18 -81.62
C GLY B 369 34.96 10.39 -81.37
N HIS B 370 35.37 11.57 -80.91
CA HIS B 370 36.76 11.82 -80.56
C HIS B 370 37.12 11.33 -79.18
N PHE B 371 36.17 10.76 -78.44
CA PHE B 371 36.39 10.23 -77.11
C PHE B 371 35.87 8.80 -77.04
N ALA B 372 36.42 8.04 -76.10
CA ALA B 372 36.05 6.64 -75.92
C ALA B 372 35.90 6.36 -74.43
N LEU B 373 35.42 5.16 -74.12
CA LEU B 373 35.19 4.72 -72.74
C LEU B 373 35.85 3.37 -72.52
N SER B 374 36.54 3.24 -71.39
CA SER B 374 37.19 2.00 -71.02
C SER B 374 36.96 1.73 -69.54
N THR B 375 37.05 0.46 -69.15
CA THR B 375 36.84 0.03 -67.78
C THR B 375 38.03 -0.76 -67.29
N GLN B 376 38.38 -0.56 -66.02
CA GLN B 376 39.49 -1.31 -65.40
C GLN B 376 38.99 -2.62 -64.82
N ASP B 377 38.19 -2.54 -63.76
CA ASP B 377 37.74 -3.72 -63.01
C ASP B 377 36.22 -3.69 -62.82
N SER B 378 35.49 -3.28 -63.86
CA SER B 378 34.04 -3.19 -63.87
C SER B 378 33.48 -2.25 -62.81
N VAL B 379 34.35 -1.54 -62.08
CA VAL B 379 33.94 -0.58 -61.07
C VAL B 379 34.51 0.80 -61.36
N ILE B 380 35.76 0.87 -61.80
CA ILE B 380 36.43 2.13 -62.15
C ILE B 380 36.49 2.22 -63.67
N TYR B 381 36.07 3.36 -64.21
CA TYR B 381 36.07 3.60 -65.64
C TYR B 381 37.04 4.74 -65.97
N LEU B 382 37.41 4.82 -67.24
CA LEU B 382 38.35 5.81 -67.74
C LEU B 382 37.73 6.55 -68.91
N VAL B 383 38.49 7.50 -69.47
CA VAL B 383 38.04 8.29 -70.61
C VAL B 383 39.23 8.48 -71.55
N CYS B 384 39.14 7.91 -72.75
CA CYS B 384 40.24 7.89 -73.70
C CYS B 384 40.00 8.89 -74.83
N VAL B 385 41.05 9.13 -75.61
CA VAL B 385 41.02 10.05 -76.74
C VAL B 385 41.20 9.26 -78.03
N ALA B 386 40.41 9.60 -79.04
CA ALA B 386 40.51 9.00 -80.36
C ALA B 386 40.46 10.09 -81.42
N ARG B 387 40.80 9.71 -82.65
CA ARG B 387 40.78 10.60 -83.81
C ARG B 387 41.72 11.80 -83.65
N ARG B 388 42.68 11.70 -82.73
CA ARG B 388 43.71 12.72 -82.53
C ARG B 388 43.16 14.06 -82.05
N LEU B 389 41.84 14.20 -82.00
CA LEU B 389 41.18 15.44 -81.61
C LEU B 389 41.71 16.63 -82.41
N ASP B 390 41.40 16.59 -83.71
CA ASP B 390 41.96 17.54 -84.67
C ASP B 390 41.52 18.97 -84.43
N ARG B 391 40.59 19.22 -83.51
CA ARG B 391 40.10 20.57 -83.23
C ARG B 391 39.49 21.20 -84.48
N GLU B 392 38.85 20.38 -85.32
CA GLU B 392 38.26 20.86 -86.56
C GLU B 392 37.03 21.73 -86.28
N GLU B 393 37.25 23.04 -86.17
CA GLU B 393 36.18 24.00 -85.89
C GLU B 393 35.40 23.62 -84.64
N ARG B 394 36.14 23.30 -83.58
CA ARG B 394 35.55 22.91 -82.31
C ARG B 394 36.52 23.24 -81.19
N ASP B 395 36.04 23.91 -80.15
CA ASP B 395 36.87 24.32 -79.02
C ASP B 395 36.72 23.37 -77.83
N ALA B 396 35.53 23.32 -77.25
CA ALA B 396 35.25 22.46 -76.10
C ALA B 396 34.04 21.59 -76.42
N TYR B 397 33.92 20.48 -75.70
CA TYR B 397 32.83 19.54 -75.90
C TYR B 397 32.12 19.29 -74.58
N ASN B 398 30.84 19.67 -74.52
CA ASN B 398 30.02 19.39 -73.35
C ASN B 398 29.73 17.89 -73.28
N LEU B 399 30.19 17.25 -72.21
CA LEU B 399 30.03 15.81 -72.04
C LEU B 399 29.28 15.52 -70.75
N ARG B 400 28.62 14.36 -70.74
CA ARG B 400 27.78 13.96 -69.62
C ARG B 400 27.85 12.46 -69.44
N VAL B 401 27.85 12.01 -68.20
CA VAL B 401 27.90 10.60 -67.85
C VAL B 401 26.56 10.21 -67.22
N THR B 402 26.03 9.06 -67.63
CA THR B 402 24.76 8.55 -67.13
C THR B 402 25.02 7.23 -66.43
N ALA B 403 24.68 7.17 -65.14
CA ALA B 403 24.82 5.97 -64.33
C ALA B 403 23.51 5.20 -64.36
N THR B 404 23.52 4.02 -64.97
CA THR B 404 22.33 3.19 -65.14
C THR B 404 22.35 2.06 -64.14
N ASP B 405 21.44 2.09 -63.17
CA ASP B 405 21.38 1.07 -62.14
C ASP B 405 20.93 -0.27 -62.71
N SER B 406 21.57 -1.34 -62.27
CA SER B 406 21.26 -2.70 -62.74
C SER B 406 20.23 -3.38 -61.83
N GLY B 407 19.15 -2.68 -61.52
CA GLY B 407 18.08 -3.21 -60.71
C GLY B 407 16.82 -3.50 -61.52
N SER B 408 15.81 -3.99 -60.80
CA SER B 408 14.54 -4.30 -61.45
C SER B 408 13.85 -3.07 -62.02
N PRO B 409 13.76 -1.93 -61.31
CA PRO B 409 13.27 -0.71 -61.96
C PRO B 409 14.43 0.09 -62.52
N PRO B 410 14.19 0.91 -63.54
CA PRO B 410 15.26 1.74 -64.09
C PRO B 410 15.55 2.93 -63.18
N LEU B 411 16.82 3.09 -62.80
CA LEU B 411 17.27 4.20 -61.97
C LEU B 411 18.46 4.86 -62.63
N ARG B 412 18.30 6.12 -63.01
CA ARG B 412 19.33 6.87 -63.73
C ARG B 412 19.96 7.93 -62.82
N ALA B 413 21.16 8.36 -63.20
CA ALA B 413 21.89 9.39 -62.46
C ALA B 413 22.70 10.21 -63.45
N GLU B 414 22.51 11.53 -63.44
CA GLU B 414 23.15 12.42 -64.39
C GLU B 414 24.40 13.05 -63.78
N ALA B 415 25.36 13.39 -64.66
CA ALA B 415 26.59 14.03 -64.23
C ALA B 415 27.26 14.59 -65.48
N ALA B 416 27.14 15.91 -65.68
CA ALA B 416 27.65 16.57 -66.86
C ALA B 416 28.92 17.34 -66.54
N PHE B 417 29.75 17.52 -67.57
CA PHE B 417 31.01 18.24 -67.45
C PHE B 417 31.29 18.96 -68.77
N VAL B 418 32.37 19.74 -68.78
CA VAL B 418 32.81 20.48 -69.96
C VAL B 418 34.31 20.26 -70.11
N LEU B 419 34.72 19.76 -71.28
CA LEU B 419 36.11 19.47 -71.57
C LEU B 419 36.57 20.39 -72.69
N HIS B 420 37.57 21.22 -72.41
CA HIS B 420 38.08 22.21 -73.34
C HIS B 420 39.51 21.89 -73.74
N VAL B 421 40.00 22.64 -74.72
CA VAL B 421 41.40 22.52 -75.16
C VAL B 421 42.25 23.58 -74.47
#